data_9LP2
#
_entry.id   9LP2
#
_cell.length_a   46.508
_cell.length_b   72.793
_cell.length_c   130.231
_cell.angle_alpha   90.00
_cell.angle_beta   90.00
_cell.angle_gamma   90.00
#
_symmetry.space_group_name_H-M   'P 1 21 1'
#
loop_
_entity.id
_entity.type
_entity.pdbx_description
1 polymer dAID23.4L
2 polymer dAID23.4S
3 non-polymer (3S,5S,7S)-tricyclo[3.3.1.1~3,7~]decan-1-amine
#
loop_
_entity_poly.entity_id
_entity_poly.type
_entity_poly.pdbx_seq_one_letter_code
_entity_poly.pdbx_strand_id
1 'polypeptide(L)'
;NIKETLQKIKEVVLEIMDKGDDEQIKLAQSLLIVAEIAVAVGDKETVEKMYKEAKYILDNINSITDEEIKKMLEEAAKIA
KKLLEKAKDLPEEERILLRIKALVIEVMAYGDDETIKEAQKLLIKAELAVKEGDLETLKKILKEMEKMVKEVK
;
A,B,D,G
2 'polypeptide(L)' DLEDLLEKIKDIVLKVMDIGDDETIKRAQKLLIKAELAVENKDLKEVEKLLKEAEKVYKEVKEAK C,E,F,H
#
# COMPACT_ATOMS: atom_id res chain seq x y z
N ASN A 1 -1.34 31.73 14.63
CA ASN A 1 -2.13 32.60 13.77
C ASN A 1 -1.73 32.47 12.31
N ILE A 2 -0.43 32.57 12.03
CA ILE A 2 0.04 32.36 10.67
C ILE A 2 0.23 30.88 10.37
N LYS A 3 0.59 30.08 11.37
CA LYS A 3 0.79 28.65 11.17
C LYS A 3 -0.52 27.89 11.09
N GLU A 4 -1.60 28.43 11.66
CA GLU A 4 -2.91 27.82 11.51
C GLU A 4 -3.66 28.29 10.27
N THR A 5 -3.21 29.39 9.66
CA THR A 5 -3.84 29.91 8.44
C THR A 5 -3.28 29.27 7.18
N LEU A 6 -1.96 29.07 7.12
CA LEU A 6 -1.36 28.37 5.98
C LEU A 6 -1.89 26.96 5.86
N GLN A 7 -2.20 26.32 6.99
CA GLN A 7 -2.71 24.95 6.94
C GLN A 7 -4.14 24.92 6.40
N LYS A 8 -4.98 25.88 6.79
CA LYS A 8 -6.30 25.98 6.19
C LYS A 8 -6.20 26.33 4.71
N ILE A 9 -5.20 27.12 4.32
CA ILE A 9 -4.94 27.40 2.91
C ILE A 9 -4.63 26.10 2.17
N LYS A 10 -3.79 25.26 2.76
CA LYS A 10 -3.45 23.98 2.15
C LYS A 10 -4.69 23.09 2.03
N GLU A 11 -5.53 23.06 3.06
CA GLU A 11 -6.76 22.28 3.02
C GLU A 11 -7.67 22.75 1.88
N VAL A 12 -7.85 24.07 1.78
CA VAL A 12 -8.66 24.63 0.71
C VAL A 12 -8.07 24.27 -0.64
N VAL A 13 -6.75 24.34 -0.77
CA VAL A 13 -6.09 23.99 -2.03
C VAL A 13 -6.37 22.54 -2.40
N LEU A 14 -6.28 21.63 -1.42
CA LEU A 14 -6.57 20.23 -1.68
C LEU A 14 -8.01 20.04 -2.16
N GLU A 15 -8.95 20.72 -1.51
CA GLU A 15 -10.35 20.62 -1.94
C GLU A 15 -10.52 21.16 -3.36
N ILE A 16 -9.77 22.21 -3.71
CA ILE A 16 -9.84 22.78 -5.06
C ILE A 16 -9.33 21.77 -6.08
N MET A 17 -8.20 21.14 -5.79
CA MET A 17 -7.70 20.08 -6.67
C MET A 17 -8.67 18.91 -6.74
N ASP A 18 -9.50 18.72 -5.71
CA ASP A 18 -10.59 17.76 -5.81
C ASP A 18 -11.67 18.24 -6.78
N LYS A 19 -11.93 19.55 -6.81
CA LYS A 19 -13.08 20.09 -7.53
C LYS A 19 -12.73 20.90 -8.77
N GLY A 20 -11.66 21.70 -8.75
CA GLY A 20 -11.43 22.70 -9.78
C GLY A 20 -10.93 22.15 -11.11
N ASP A 21 -10.65 23.08 -12.01
CA ASP A 21 -10.11 22.78 -13.34
C ASP A 21 -8.73 23.42 -13.48
N ASP A 22 -7.91 22.85 -14.36
CA ASP A 22 -6.48 23.15 -14.52
C ASP A 22 -6.13 24.60 -14.21
N GLU A 23 -6.92 25.55 -14.72
CA GLU A 23 -6.67 26.95 -14.44
C GLU A 23 -6.92 27.29 -12.97
N GLN A 24 -7.98 26.72 -12.39
CA GLN A 24 -8.30 27.02 -10.99
C GLN A 24 -7.24 26.45 -10.05
N ILE A 25 -6.79 25.21 -10.29
CA ILE A 25 -5.72 24.67 -9.45
C ILE A 25 -4.42 25.41 -9.72
N LYS A 26 -4.16 25.82 -10.96
CA LYS A 26 -2.98 26.65 -11.22
C LYS A 26 -2.99 27.88 -10.32
N LEU A 27 -4.12 28.58 -10.31
CA LEU A 27 -4.25 29.77 -9.48
C LEU A 27 -4.01 29.42 -8.01
N ALA A 28 -4.72 28.39 -7.53
CA ALA A 28 -4.65 28.00 -6.12
C ALA A 28 -3.23 27.63 -5.68
N GLN A 29 -2.49 26.90 -6.51
CA GLN A 29 -1.11 26.55 -6.15
C GLN A 29 -0.22 27.80 -6.15
N SER A 30 -0.42 28.71 -7.12
CA SER A 30 0.30 29.98 -7.07
C SER A 30 0.02 30.71 -5.76
N LEU A 31 -1.24 30.69 -5.33
CA LEU A 31 -1.62 31.24 -4.04
C LEU A 31 -0.88 30.60 -2.88
N LEU A 32 -0.90 29.26 -2.80
CA LEU A 32 -0.18 28.58 -1.73
C LEU A 32 1.29 28.98 -1.72
N ILE A 33 1.88 29.16 -2.91
CA ILE A 33 3.30 29.49 -2.98
C ILE A 33 3.55 30.89 -2.44
N VAL A 34 2.86 31.91 -2.97
CA VAL A 34 3.09 33.26 -2.47
C VAL A 34 2.69 33.37 -0.99
N ALA A 35 1.79 32.50 -0.52
CA ALA A 35 1.48 32.44 0.89
C ALA A 35 2.70 32.01 1.70
N GLU A 36 3.33 30.90 1.29
CA GLU A 36 4.56 30.46 1.95
C GLU A 36 5.63 31.53 1.88
N ILE A 37 5.69 32.26 0.76
CA ILE A 37 6.61 33.39 0.63
C ILE A 37 6.37 34.38 1.76
N ALA A 38 5.12 34.80 1.93
CA ALA A 38 4.79 35.79 2.95
C ALA A 38 5.07 35.26 4.34
N VAL A 39 4.84 33.96 4.57
CA VAL A 39 5.16 33.36 5.85
C VAL A 39 6.65 33.48 6.14
N ALA A 40 7.49 33.28 5.12
CA ALA A 40 8.92 33.38 5.31
C ALA A 40 9.37 34.78 5.71
N VAL A 41 8.53 35.80 5.52
CA VAL A 41 8.92 37.19 5.78
C VAL A 41 8.15 37.82 6.92
N GLY A 42 7.10 37.18 7.43
CA GLY A 42 6.35 37.74 8.54
C GLY A 42 5.23 38.69 8.16
N ASP A 43 4.69 38.57 6.95
CA ASP A 43 3.56 39.39 6.52
C ASP A 43 2.31 38.53 6.63
N LYS A 44 1.51 38.79 7.67
CA LYS A 44 0.34 37.96 7.93
C LYS A 44 -0.90 38.45 7.20
N GLU A 45 -1.02 39.76 6.98
CA GLU A 45 -2.15 40.29 6.22
C GLU A 45 -2.19 39.69 4.83
N THR A 46 -1.02 39.49 4.22
CA THR A 46 -0.95 38.84 2.92
C THR A 46 -1.55 37.44 2.98
N VAL A 47 -1.15 36.64 3.97
CA VAL A 47 -1.65 35.26 4.05
C VAL A 47 -3.14 35.23 4.38
N GLU A 48 -3.64 36.18 5.16
CA GLU A 48 -5.07 36.31 5.35
C GLU A 48 -5.76 36.56 4.01
N LYS A 49 -5.25 37.50 3.24
CA LYS A 49 -5.77 37.75 1.90
C LYS A 49 -5.71 36.49 1.04
N MET A 50 -4.67 35.68 1.23
CA MET A 50 -4.51 34.48 0.42
C MET A 50 -5.57 33.45 0.75
N TYR A 51 -5.82 33.23 2.05
CA TYR A 51 -6.91 32.36 2.45
C TYR A 51 -8.24 32.87 1.92
N LYS A 52 -8.44 34.19 1.96
CA LYS A 52 -9.68 34.76 1.44
C LYS A 52 -9.84 34.49 -0.05
N GLU A 53 -8.76 34.65 -0.82
CA GLU A 53 -8.85 34.45 -2.27
C GLU A 53 -9.05 32.97 -2.62
N ALA A 54 -8.36 32.08 -1.90
CA ALA A 54 -8.54 30.66 -2.17
C ALA A 54 -9.94 30.20 -1.81
N LYS A 55 -10.48 30.67 -0.69
CA LYS A 55 -11.86 30.36 -0.35
C LYS A 55 -12.83 30.98 -1.35
N TYR A 56 -12.49 32.14 -1.90
CA TYR A 56 -13.29 32.73 -2.96
C TYR A 56 -13.34 31.82 -4.18
N ILE A 57 -12.19 31.27 -4.57
CA ILE A 57 -12.15 30.33 -5.67
C ILE A 57 -13.05 29.13 -5.36
N LEU A 58 -12.89 28.56 -4.17
CA LEU A 58 -13.68 27.41 -3.77
C LEU A 58 -15.18 27.71 -3.87
N ASP A 59 -15.59 28.88 -3.36
CA ASP A 59 -17.00 29.24 -3.37
C ASP A 59 -17.51 29.39 -4.80
N ASN A 60 -16.84 30.22 -5.61
CA ASN A 60 -17.22 30.43 -7.00
C ASN A 60 -16.45 29.45 -7.91
N ILE A 61 -16.59 28.17 -7.58
CA ILE A 61 -15.93 27.11 -8.35
C ILE A 61 -16.60 26.86 -9.70
N ASN A 62 -17.83 27.36 -9.90
CA ASN A 62 -18.53 27.18 -11.16
C ASN A 62 -19.01 28.50 -11.74
N SER A 63 -18.43 29.62 -11.30
CA SER A 63 -18.81 30.92 -11.82
C SER A 63 -17.62 31.85 -12.06
N ILE A 64 -16.40 31.40 -11.82
CA ILE A 64 -15.23 32.26 -11.99
C ILE A 64 -14.83 32.29 -13.46
N THR A 65 -14.36 33.46 -13.91
CA THR A 65 -14.07 33.71 -15.31
C THR A 65 -12.57 33.85 -15.50
N ASP A 66 -12.00 33.08 -16.43
CA ASP A 66 -10.56 32.98 -16.65
C ASP A 66 -9.88 34.34 -16.70
N GLU A 67 -10.62 35.36 -17.11
CA GLU A 67 -10.12 36.73 -17.05
C GLU A 67 -9.72 37.11 -15.63
N GLU A 68 -10.57 36.79 -14.65
CA GLU A 68 -10.23 37.14 -13.28
C GLU A 68 -9.30 36.12 -12.62
N ILE A 69 -9.22 34.88 -13.13
CA ILE A 69 -8.10 34.03 -12.72
C ILE A 69 -6.78 34.63 -13.18
N LYS A 70 -6.74 35.21 -14.38
CA LYS A 70 -5.50 35.82 -14.86
C LYS A 70 -5.17 37.10 -14.10
N LYS A 71 -6.20 37.90 -13.76
CA LYS A 71 -5.95 39.06 -12.92
C LYS A 71 -5.27 38.64 -11.62
N MET A 72 -5.78 37.58 -10.99
CA MET A 72 -5.20 37.13 -9.73
C MET A 72 -3.84 36.50 -9.90
N LEU A 73 -3.58 35.87 -11.05
CA LEU A 73 -2.24 35.34 -11.30
C LEU A 73 -1.22 36.47 -11.41
N GLU A 74 -1.53 37.48 -12.22
CA GLU A 74 -0.66 38.65 -12.34
C GLU A 74 -0.48 39.33 -10.98
N GLU A 75 -1.57 39.46 -10.22
CA GLU A 75 -1.51 40.12 -8.91
C GLU A 75 -0.66 39.32 -7.94
N ALA A 76 -0.83 37.98 -7.92
CA ALA A 76 -0.02 37.14 -7.06
C ALA A 76 1.46 37.26 -7.40
N ALA A 77 1.77 37.32 -8.70
CA ALA A 77 3.14 37.58 -9.12
C ALA A 77 3.66 38.87 -8.50
N LYS A 78 3.00 39.99 -8.82
CA LYS A 78 3.39 41.30 -8.31
C LYS A 78 3.59 41.28 -6.79
N ILE A 79 2.63 40.70 -6.06
CA ILE A 79 2.75 40.63 -4.61
C ILE A 79 3.97 39.84 -4.19
N ALA A 80 4.21 38.66 -4.78
CA ALA A 80 5.38 37.87 -4.38
C ALA A 80 6.67 38.65 -4.59
N LYS A 81 6.79 39.31 -5.74
CA LYS A 81 7.98 40.12 -5.98
C LYS A 81 8.07 41.31 -5.04
N LYS A 82 6.95 41.76 -4.48
CA LYS A 82 6.99 42.81 -3.46
C LYS A 82 7.36 42.26 -2.09
N LEU A 83 6.87 41.06 -1.75
CA LEU A 83 7.19 40.44 -0.47
C LEU A 83 8.66 40.07 -0.38
N LEU A 84 9.28 39.75 -1.52
CA LEU A 84 10.71 39.42 -1.52
C LEU A 84 11.56 40.51 -0.87
N GLU A 85 11.05 41.75 -0.81
CA GLU A 85 11.82 42.85 -0.24
C GLU A 85 12.05 42.69 1.27
N LYS A 86 11.12 42.06 1.98
CA LYS A 86 11.27 41.86 3.42
C LYS A 86 12.21 40.72 3.78
N ALA A 87 12.83 40.07 2.80
CA ALA A 87 13.70 38.92 3.03
C ALA A 87 15.14 39.34 2.81
N LYS A 88 15.68 40.07 3.79
CA LYS A 88 17.08 40.50 3.76
C LYS A 88 17.79 40.27 5.09
N ASP A 89 17.17 39.54 6.02
CA ASP A 89 17.77 39.23 7.31
C ASP A 89 17.90 37.74 7.54
N LEU A 90 17.68 36.92 6.53
CA LEU A 90 17.72 35.47 6.60
C LEU A 90 18.90 34.94 5.79
N PRO A 91 19.28 33.68 5.95
CA PRO A 91 20.40 33.12 5.20
C PRO A 91 20.21 33.23 3.70
N GLU A 92 21.35 33.25 2.98
CA GLU A 92 21.34 33.34 1.53
C GLU A 92 20.56 32.20 0.90
N GLU A 93 20.59 31.02 1.53
CA GLU A 93 19.90 29.86 0.98
C GLU A 93 18.40 30.09 0.87
N GLU A 94 17.76 30.48 1.98
CA GLU A 94 16.32 30.73 1.97
C GLU A 94 15.97 31.92 1.10
N ARG A 95 16.88 32.89 0.97
CA ARG A 95 16.63 34.03 0.08
C ARG A 95 16.57 33.59 -1.37
N ILE A 96 17.53 32.76 -1.80
CA ILE A 96 17.51 32.28 -3.17
C ILE A 96 16.31 31.35 -3.39
N LEU A 97 15.95 30.57 -2.37
CA LEU A 97 14.75 29.74 -2.48
C LEU A 97 13.51 30.59 -2.66
N LEU A 98 13.42 31.71 -1.93
CA LEU A 98 12.28 32.59 -2.03
C LEU A 98 12.22 33.24 -3.41
N ARG A 99 13.36 33.67 -3.94
CA ARG A 99 13.39 34.23 -5.29
C ARG A 99 12.99 33.19 -6.32
N ILE A 100 13.44 31.94 -6.14
CA ILE A 100 13.04 30.85 -7.04
C ILE A 100 11.53 30.66 -7.01
N LYS A 101 10.96 30.66 -5.81
CA LYS A 101 9.51 30.51 -5.67
C LYS A 101 8.76 31.65 -6.37
N ALA A 102 9.23 32.88 -6.18
CA ALA A 102 8.57 34.03 -6.81
C ALA A 102 8.66 33.95 -8.33
N LEU A 103 9.82 33.54 -8.86
CA LEU A 103 9.96 33.36 -10.30
C LEU A 103 9.04 32.25 -10.80
N VAL A 104 8.86 31.20 -10.00
CA VAL A 104 7.94 30.12 -10.37
C VAL A 104 6.52 30.65 -10.46
N ILE A 105 6.14 31.54 -9.54
CA ILE A 105 4.82 32.17 -9.59
C ILE A 105 4.69 33.01 -10.86
N GLU A 106 5.70 33.82 -11.16
CA GLU A 106 5.62 34.66 -12.35
C GLU A 106 5.57 33.83 -13.63
N VAL A 107 6.15 32.63 -13.60
CA VAL A 107 6.02 31.72 -14.74
C VAL A 107 4.61 31.15 -14.81
N MET A 108 4.06 30.73 -13.67
CA MET A 108 2.68 30.27 -13.62
C MET A 108 1.70 31.33 -14.11
N ALA A 109 2.08 32.60 -13.99
CA ALA A 109 1.21 33.68 -14.47
C ALA A 109 1.03 33.63 -15.99
N TYR A 110 2.14 33.73 -16.74
CA TYR A 110 2.07 33.86 -18.19
C TYR A 110 2.57 32.64 -18.95
N GLY A 111 3.17 31.67 -18.27
CA GLY A 111 3.71 30.51 -18.96
C GLY A 111 2.64 29.51 -19.34
N ASP A 112 2.97 28.70 -20.34
CA ASP A 112 2.13 27.58 -20.76
C ASP A 112 2.30 26.41 -19.81
N ASP A 113 1.53 25.34 -20.06
CA ASP A 113 1.44 24.24 -19.11
C ASP A 113 2.78 23.54 -18.92
N GLU A 114 3.47 23.19 -20.03
CA GLU A 114 4.75 22.50 -19.91
C GLU A 114 5.78 23.36 -19.19
N THR A 115 5.76 24.68 -19.43
CA THR A 115 6.68 25.57 -18.72
C THR A 115 6.37 25.60 -17.23
N ILE A 116 5.09 25.57 -16.87
CA ILE A 116 4.72 25.51 -15.45
C ILE A 116 5.19 24.19 -14.84
N LYS A 117 5.11 23.11 -15.61
CA LYS A 117 5.61 21.85 -15.12
C LYS A 117 7.09 22.00 -14.80
N GLU A 118 7.86 22.44 -15.78
CA GLU A 118 9.30 22.61 -15.57
C GLU A 118 9.59 23.48 -14.36
N ALA A 119 8.86 24.58 -14.20
CA ALA A 119 9.09 25.48 -13.09
C ALA A 119 8.77 24.81 -11.76
N GLN A 120 7.72 23.98 -11.71
CA GLN A 120 7.37 23.30 -10.46
C GLN A 120 8.37 22.20 -10.14
N LYS A 121 8.87 21.50 -11.16
CA LYS A 121 9.94 20.53 -10.91
C LYS A 121 11.19 21.23 -10.35
N LEU A 122 11.55 22.37 -10.94
CA LEU A 122 12.71 23.11 -10.43
C LEU A 122 12.45 23.66 -9.03
N LEU A 123 11.22 24.07 -8.74
CA LEU A 123 10.90 24.53 -7.39
C LEU A 123 11.04 23.40 -6.38
N ILE A 124 10.54 22.21 -6.72
CA ILE A 124 10.73 21.04 -5.85
C ILE A 124 12.22 20.79 -5.64
N LYS A 125 13.00 20.78 -6.74
CA LYS A 125 14.44 20.57 -6.64
C LYS A 125 15.09 21.60 -5.71
N ALA A 126 14.63 22.84 -5.76
CA ALA A 126 15.16 23.85 -4.86
C ALA A 126 14.77 23.56 -3.42
N GLU A 127 13.56 23.04 -3.21
CA GLU A 127 13.14 22.64 -1.87
C GLU A 127 14.01 21.50 -1.33
N LEU A 128 14.46 20.59 -2.20
CA LEU A 128 15.41 19.57 -1.73
C LEU A 128 16.78 20.19 -1.46
N ALA A 129 17.25 21.07 -2.36
CA ALA A 129 18.58 21.65 -2.18
C ALA A 129 18.66 22.48 -0.91
N VAL A 130 17.55 23.07 -0.48
CA VAL A 130 17.55 23.85 0.76
C VAL A 130 17.83 22.94 1.95
N LYS A 131 17.22 21.75 1.97
CA LYS A 131 17.49 20.80 3.04
C LYS A 131 18.92 20.28 2.99
N GLU A 132 19.55 20.30 1.81
CA GLU A 132 20.93 19.85 1.66
C GLU A 132 21.93 20.99 1.75
N GLY A 133 21.48 22.24 1.84
CA GLY A 133 22.39 23.37 1.90
C GLY A 133 23.26 23.52 0.68
N ASP A 134 22.81 23.04 -0.47
CA ASP A 134 23.62 23.06 -1.70
C ASP A 134 23.43 24.42 -2.35
N LEU A 135 24.46 25.26 -2.29
CA LEU A 135 24.40 26.58 -2.91
C LEU A 135 24.60 26.50 -4.42
N GLU A 136 25.55 25.68 -4.85
CA GLU A 136 25.97 25.65 -6.25
C GLU A 136 24.87 25.14 -7.18
N THR A 137 23.89 24.41 -6.66
CA THR A 137 22.80 24.01 -7.53
C THR A 137 21.61 24.96 -7.46
N LEU A 138 21.33 25.56 -6.28
CA LEU A 138 20.19 26.47 -6.22
C LEU A 138 20.48 27.78 -6.91
N LYS A 139 21.75 28.19 -6.95
CA LYS A 139 22.10 29.37 -7.74
C LYS A 139 21.78 29.15 -9.22
N LYS A 140 22.20 28.00 -9.77
CA LYS A 140 21.90 27.72 -11.17
C LYS A 140 20.43 27.42 -11.39
N ILE A 141 19.72 26.92 -10.37
CA ILE A 141 18.28 26.72 -10.50
C ILE A 141 17.56 28.06 -10.58
N LEU A 142 18.00 29.04 -9.78
CA LEU A 142 17.45 30.39 -9.89
C LEU A 142 17.77 30.99 -11.25
N LYS A 143 19.00 30.77 -11.74
CA LYS A 143 19.35 31.31 -13.04
C LYS A 143 18.51 30.67 -14.16
N GLU A 144 18.23 29.37 -14.04
CA GLU A 144 17.37 28.70 -15.02
C GLU A 144 15.92 29.16 -14.89
N MET A 145 15.49 29.49 -13.68
CA MET A 145 14.21 30.16 -13.47
C MET A 145 14.16 31.45 -14.28
N GLU A 146 15.24 32.24 -14.21
CA GLU A 146 15.31 33.49 -14.95
C GLU A 146 15.31 33.23 -16.46
N LYS A 147 16.04 32.21 -16.90
CA LYS A 147 15.99 31.77 -18.29
C LYS A 147 14.67 31.07 -18.58
N MET A 148 13.58 31.62 -18.06
CA MET A 148 12.25 31.07 -18.26
C MET A 148 11.21 32.15 -18.06
N VAL A 149 11.33 32.92 -16.98
CA VAL A 149 10.34 33.97 -16.71
C VAL A 149 10.29 34.97 -17.86
N LYS A 150 11.42 35.22 -18.52
CA LYS A 150 11.44 36.08 -19.70
C LYS A 150 11.32 35.29 -20.99
N GLU A 151 11.70 34.01 -20.97
CA GLU A 151 11.48 33.14 -22.12
C GLU A 151 10.00 33.02 -22.46
N VAL A 152 9.11 33.26 -21.50
CA VAL A 152 7.67 33.29 -21.75
C VAL A 152 7.11 34.69 -21.59
N LYS A 153 7.96 35.71 -21.44
CA LYS A 153 7.50 37.08 -21.27
C LYS A 153 6.82 37.60 -22.53
N ASN B 1 -27.10 -18.27 34.18
CA ASN B 1 -26.44 -17.09 34.69
C ASN B 1 -24.96 -17.07 34.28
N ILE B 2 -24.46 -18.24 33.91
CA ILE B 2 -23.04 -18.35 33.56
C ILE B 2 -22.74 -17.56 32.29
N LYS B 3 -23.62 -17.64 31.29
CA LYS B 3 -23.46 -16.83 30.09
C LYS B 3 -23.66 -15.35 30.39
N GLU B 4 -24.60 -15.03 31.27
CA GLU B 4 -24.77 -13.65 31.72
C GLU B 4 -23.49 -13.15 32.40
N THR B 5 -22.87 -14.01 33.21
CA THR B 5 -21.59 -13.64 33.81
C THR B 5 -20.53 -13.44 32.74
N LEU B 6 -20.57 -14.24 31.67
CA LEU B 6 -19.62 -14.05 30.56
C LEU B 6 -19.79 -12.67 29.93
N GLN B 7 -21.03 -12.26 29.66
CA GLN B 7 -21.25 -10.93 29.11
C GLN B 7 -20.84 -9.84 30.10
N LYS B 8 -20.99 -10.11 31.40
CA LYS B 8 -20.52 -9.15 32.40
C LYS B 8 -19.01 -8.99 32.34
N ILE B 9 -18.29 -10.11 32.24
CA ILE B 9 -16.83 -10.05 32.09
C ILE B 9 -16.46 -9.32 30.81
N LYS B 10 -17.24 -9.52 29.74
CA LYS B 10 -16.95 -8.82 28.49
C LYS B 10 -17.09 -7.30 28.64
N GLU B 11 -18.18 -6.87 29.29
CA GLU B 11 -18.39 -5.44 29.49
C GLU B 11 -17.32 -4.84 30.40
N VAL B 12 -16.95 -5.58 31.46
CA VAL B 12 -15.86 -5.13 32.33
C VAL B 12 -14.56 -4.99 31.53
N VAL B 13 -14.28 -5.96 30.65
CA VAL B 13 -13.07 -5.92 29.84
C VAL B 13 -13.10 -4.71 28.90
N LEU B 14 -14.28 -4.36 28.40
CA LEU B 14 -14.44 -3.11 27.66
C LEU B 14 -14.05 -1.92 28.52
N GLU B 15 -14.55 -1.89 29.76
CA GLU B 15 -14.22 -0.78 30.66
C GLU B 15 -12.71 -0.68 30.90
N ILE B 16 -12.03 -1.83 31.00
CA ILE B 16 -10.58 -1.81 31.15
C ILE B 16 -9.91 -1.27 29.87
N MET B 17 -10.33 -1.77 28.70
CA MET B 17 -9.79 -1.27 27.45
C MET B 17 -9.93 0.24 27.31
N ASP B 18 -10.99 0.82 27.87
CA ASP B 18 -11.23 2.24 27.69
C ASP B 18 -10.08 3.08 28.26
N LYS B 19 -9.49 2.66 29.39
CA LYS B 19 -8.47 3.46 30.05
C LYS B 19 -7.19 2.73 30.40
N GLY B 20 -7.16 1.39 30.36
CA GLY B 20 -5.99 0.66 30.82
C GLY B 20 -4.80 0.79 29.90
N ASP B 21 -3.67 0.28 30.38
CA ASP B 21 -2.44 0.21 29.61
C ASP B 21 -2.20 -1.22 29.12
N ASP B 22 -1.52 -1.32 27.97
CA ASP B 22 -1.42 -2.54 27.17
C ASP B 22 -1.29 -3.83 27.97
N GLU B 23 -0.47 -3.82 29.02
CA GLU B 23 -0.32 -5.01 29.85
C GLU B 23 -1.65 -5.39 30.51
N GLN B 24 -2.38 -4.41 31.02
CA GLN B 24 -3.64 -4.70 31.69
C GLN B 24 -4.71 -5.16 30.72
N ILE B 25 -4.77 -4.55 29.53
CA ILE B 25 -5.70 -5.04 28.51
C ILE B 25 -5.36 -6.46 28.10
N LYS B 26 -4.07 -6.77 27.98
CA LYS B 26 -3.67 -8.12 27.60
C LYS B 26 -4.09 -9.14 28.66
N LEU B 27 -3.83 -8.81 29.93
CA LEU B 27 -4.26 -9.70 31.00
C LEU B 27 -5.77 -9.86 31.01
N ALA B 28 -6.51 -8.77 30.77
CA ALA B 28 -7.97 -8.85 30.76
C ALA B 28 -8.46 -9.73 29.62
N GLN B 29 -7.84 -9.61 28.44
CA GLN B 29 -8.21 -10.46 27.31
C GLN B 29 -7.92 -11.92 27.61
N SER B 30 -6.80 -12.18 28.29
CA SER B 30 -6.49 -13.55 28.70
C SER B 30 -7.56 -14.10 29.63
N LEU B 31 -7.94 -13.32 30.64
CA LEU B 31 -8.99 -13.76 31.56
C LEU B 31 -10.31 -13.96 30.82
N LEU B 32 -10.59 -13.12 29.82
CA LEU B 32 -11.81 -13.26 29.05
C LEU B 32 -11.82 -14.55 28.25
N ILE B 33 -10.69 -14.91 27.65
CA ILE B 33 -10.63 -16.15 26.89
C ILE B 33 -10.72 -17.35 27.82
N VAL B 34 -10.11 -17.25 29.01
CA VAL B 34 -10.28 -18.31 30.01
C VAL B 34 -11.75 -18.46 30.38
N ALA B 35 -12.45 -17.35 30.56
CA ALA B 35 -13.87 -17.42 30.90
C ALA B 35 -14.70 -18.00 29.76
N GLU B 36 -14.31 -17.73 28.52
CA GLU B 36 -14.99 -18.35 27.38
C GLU B 36 -14.79 -19.85 27.40
N ILE B 37 -13.56 -20.31 27.61
CA ILE B 37 -13.28 -21.73 27.81
C ILE B 37 -14.15 -22.31 28.93
N ALA B 38 -14.23 -21.61 30.06
CA ALA B 38 -14.97 -22.11 31.21
C ALA B 38 -16.46 -22.20 30.92
N VAL B 39 -17.00 -21.23 30.19
CA VAL B 39 -18.39 -21.29 29.76
C VAL B 39 -18.60 -22.49 28.84
N ALA B 40 -17.62 -22.74 27.96
CA ALA B 40 -17.74 -23.87 27.03
C ALA B 40 -17.80 -25.20 27.77
N VAL B 41 -16.95 -25.38 28.79
CA VAL B 41 -16.96 -26.65 29.51
C VAL B 41 -18.13 -26.71 30.49
N GLY B 42 -18.21 -25.75 31.41
CA GLY B 42 -19.24 -25.75 32.42
C GLY B 42 -18.72 -25.47 33.82
N ASP B 43 -17.45 -25.11 33.92
CA ASP B 43 -16.84 -24.79 35.20
C ASP B 43 -17.40 -23.48 35.72
N LYS B 44 -18.47 -23.57 36.51
CA LYS B 44 -19.14 -22.37 37.02
C LYS B 44 -18.28 -21.57 37.98
N GLU B 45 -17.25 -22.18 38.56
CA GLU B 45 -16.42 -21.49 39.56
C GLU B 45 -15.36 -20.61 38.91
N THR B 46 -14.72 -21.11 37.85
CA THR B 46 -13.68 -20.32 37.19
C THR B 46 -14.26 -19.09 36.52
N VAL B 47 -15.52 -19.15 36.06
CA VAL B 47 -16.15 -17.97 35.47
C VAL B 47 -16.26 -16.85 36.51
N GLU B 48 -16.74 -17.21 37.71
CA GLU B 48 -16.84 -16.21 38.78
C GLU B 48 -15.46 -15.75 39.23
N LYS B 49 -14.46 -16.64 39.21
CA LYS B 49 -13.10 -16.22 39.55
C LYS B 49 -12.57 -15.22 38.53
N MET B 50 -12.85 -15.43 37.24
CA MET B 50 -12.39 -14.48 36.23
C MET B 50 -13.14 -13.16 36.34
N TYR B 51 -14.44 -13.20 36.65
CA TYR B 51 -15.15 -11.97 36.98
C TYR B 51 -14.47 -11.24 38.12
N LYS B 52 -14.13 -11.96 39.19
CA LYS B 52 -13.50 -11.32 40.35
C LYS B 52 -12.16 -10.70 39.99
N GLU B 53 -11.35 -11.40 39.17
CA GLU B 53 -10.05 -10.86 38.80
C GLU B 53 -10.18 -9.65 37.88
N ALA B 54 -11.09 -9.72 36.90
CA ALA B 54 -11.29 -8.57 36.01
C ALA B 54 -11.84 -7.37 36.78
N LYS B 55 -12.71 -7.62 37.75
CA LYS B 55 -13.21 -6.53 38.58
C LYS B 55 -12.10 -5.95 39.45
N TYR B 56 -11.23 -6.81 39.99
CA TYR B 56 -10.06 -6.34 40.71
C TYR B 56 -9.22 -5.43 39.84
N ILE B 57 -9.08 -5.78 38.55
CA ILE B 57 -8.31 -4.95 37.63
C ILE B 57 -9.04 -3.63 37.35
N LEU B 58 -10.36 -3.67 37.24
CA LEU B 58 -11.10 -2.46 36.90
C LEU B 58 -11.09 -1.47 38.06
N ASP B 59 -11.37 -1.95 39.28
CA ASP B 59 -11.30 -1.07 40.44
C ASP B 59 -9.89 -0.58 40.69
N ASN B 60 -8.88 -1.30 40.21
CA ASN B 60 -7.47 -1.03 40.49
C ASN B 60 -6.80 -0.95 39.13
N ILE B 61 -6.94 0.21 38.47
CA ILE B 61 -6.18 0.47 37.24
C ILE B 61 -4.91 1.26 37.54
N ASN B 62 -4.93 2.06 38.60
CA ASN B 62 -3.83 2.97 38.91
C ASN B 62 -2.89 2.43 39.98
N SER B 63 -3.08 1.19 40.43
CA SER B 63 -2.29 0.64 41.54
C SER B 63 -1.70 -0.74 41.27
N ILE B 64 -2.21 -1.49 40.28
CA ILE B 64 -1.67 -2.82 40.03
C ILE B 64 -0.23 -2.72 39.57
N THR B 65 0.55 -3.76 39.85
CA THR B 65 1.96 -3.81 39.50
C THR B 65 2.20 -4.88 38.43
N ASP B 66 3.30 -4.70 37.70
CA ASP B 66 3.60 -5.57 36.56
C ASP B 66 3.91 -6.99 37.02
N GLU B 67 4.42 -7.13 38.20
CA GLU B 67 4.71 -8.44 38.67
C GLU B 67 3.41 -9.17 38.90
N GLU B 68 2.48 -8.54 39.57
CA GLU B 68 1.15 -9.12 39.74
C GLU B 68 0.52 -9.45 38.40
N ILE B 69 0.72 -8.59 37.41
CA ILE B 69 0.15 -8.84 36.08
C ILE B 69 0.73 -10.12 35.50
N LYS B 70 2.05 -10.29 35.58
CA LYS B 70 2.68 -11.50 35.05
C LYS B 70 2.24 -12.73 35.83
N LYS B 71 2.08 -12.62 37.11
CA LYS B 71 1.65 -13.79 37.80
C LYS B 71 0.33 -14.12 37.25
N MET B 72 -0.60 -13.22 37.44
CA MET B 72 -1.96 -13.57 37.05
C MET B 72 -2.02 -14.08 35.61
N LEU B 73 -1.12 -13.60 34.75
CA LEU B 73 -1.07 -14.12 33.38
C LEU B 73 -0.71 -15.59 33.35
N GLU B 74 0.37 -15.96 34.03
CA GLU B 74 0.76 -17.38 34.08
C GLU B 74 -0.29 -18.21 34.82
N GLU B 75 -0.89 -17.65 35.87
CA GLU B 75 -1.96 -18.34 36.57
C GLU B 75 -3.11 -18.66 35.61
N ALA B 76 -3.61 -17.64 34.90
CA ALA B 76 -4.71 -17.85 33.96
C ALA B 76 -4.32 -18.84 32.87
N ALA B 77 -3.07 -18.80 32.42
CA ALA B 77 -2.61 -19.78 31.44
C ALA B 77 -2.75 -21.20 31.98
N LYS B 78 -2.33 -21.41 33.22
CA LYS B 78 -2.41 -22.75 33.79
C LYS B 78 -3.85 -23.18 34.05
N ILE B 79 -4.70 -22.25 34.50
CA ILE B 79 -6.11 -22.58 34.68
C ILE B 79 -6.74 -22.94 33.34
N ALA B 80 -6.36 -22.23 32.27
CA ALA B 80 -6.90 -22.54 30.95
C ALA B 80 -6.46 -23.92 30.49
N LYS B 81 -5.19 -24.25 30.70
CA LYS B 81 -4.71 -25.59 30.36
C LYS B 81 -5.42 -26.66 31.17
N LYS B 82 -5.74 -26.36 32.43
CA LYS B 82 -6.37 -27.35 33.28
C LYS B 82 -7.84 -27.56 32.91
N LEU B 83 -8.54 -26.49 32.53
CA LEU B 83 -9.97 -26.61 32.25
C LEU B 83 -10.26 -27.49 31.04
N LEU B 84 -9.27 -27.76 30.19
CA LEU B 84 -9.50 -28.63 29.06
C LEU B 84 -9.78 -30.07 29.48
N GLU B 85 -9.39 -30.46 30.69
CA GLU B 85 -9.60 -31.82 31.16
C GLU B 85 -11.09 -32.17 31.21
N LYS B 86 -11.95 -31.18 31.47
CA LYS B 86 -13.38 -31.38 31.44
C LYS B 86 -13.96 -31.35 30.03
N ALA B 87 -13.12 -31.13 29.02
CA ALA B 87 -13.57 -31.05 27.63
C ALA B 87 -13.06 -32.29 26.90
N LYS B 88 -13.73 -33.41 27.13
CA LYS B 88 -13.46 -34.66 26.43
C LYS B 88 -14.72 -35.26 25.82
N ASP B 89 -15.87 -35.15 26.50
CA ASP B 89 -17.14 -35.60 25.97
C ASP B 89 -17.76 -34.61 25.00
N LEU B 90 -16.97 -33.67 24.49
CA LEU B 90 -17.40 -32.64 23.55
C LEU B 90 -16.94 -32.97 22.15
N PRO B 91 -17.61 -32.42 21.12
CA PRO B 91 -17.15 -32.63 19.75
C PRO B 91 -15.70 -32.19 19.55
N GLU B 92 -15.10 -32.70 18.47
CA GLU B 92 -13.69 -32.42 18.20
C GLU B 92 -13.45 -30.95 17.90
N GLU B 93 -14.38 -30.31 17.20
CA GLU B 93 -14.21 -28.91 16.82
C GLU B 93 -14.09 -28.02 18.05
N GLU B 94 -14.97 -28.22 19.03
CA GLU B 94 -14.89 -27.42 20.25
C GLU B 94 -13.61 -27.73 21.01
N ARG B 95 -13.22 -29.01 21.07
CA ARG B 95 -11.98 -29.35 21.77
C ARG B 95 -10.79 -28.62 21.18
N ILE B 96 -10.67 -28.63 19.85
CA ILE B 96 -9.56 -27.94 19.19
C ILE B 96 -9.66 -26.43 19.39
N LEU B 97 -10.88 -25.90 19.39
CA LEU B 97 -11.05 -24.45 19.58
C LEU B 97 -10.60 -24.03 20.96
N LEU B 98 -11.07 -24.72 21.99
CA LEU B 98 -10.70 -24.43 23.37
C LEU B 98 -9.19 -24.63 23.58
N ARG B 99 -8.60 -25.62 22.91
CA ARG B 99 -7.15 -25.80 22.98
C ARG B 99 -6.43 -24.60 22.38
N ILE B 100 -6.87 -24.14 21.20
CA ILE B 100 -6.29 -22.96 20.57
C ILE B 100 -6.41 -21.75 21.49
N LYS B 101 -7.55 -21.63 22.17
CA LYS B 101 -7.75 -20.54 23.13
C LYS B 101 -6.71 -20.60 24.25
N ALA B 102 -6.51 -21.80 24.81
CA ALA B 102 -5.53 -21.96 25.88
C ALA B 102 -4.12 -21.62 25.40
N LEU B 103 -3.77 -22.04 24.18
CA LEU B 103 -2.45 -21.75 23.65
C LEU B 103 -2.27 -20.25 23.39
N VAL B 104 -3.34 -19.58 22.98
CA VAL B 104 -3.30 -18.12 22.82
C VAL B 104 -3.10 -17.45 24.17
N ILE B 105 -3.72 -17.99 25.21
CA ILE B 105 -3.50 -17.45 26.55
C ILE B 105 -2.05 -17.65 26.96
N GLU B 106 -1.48 -18.80 26.61
CA GLU B 106 -0.08 -19.07 26.95
C GLU B 106 0.87 -18.08 26.28
N VAL B 107 0.66 -17.83 24.99
CA VAL B 107 1.52 -16.85 24.33
C VAL B 107 1.27 -15.45 24.88
N MET B 108 0.03 -15.16 25.31
CA MET B 108 -0.22 -13.89 25.99
C MET B 108 0.60 -13.79 27.27
N ALA B 109 0.78 -14.92 27.95
CA ALA B 109 1.50 -14.92 29.21
C ALA B 109 3.01 -14.82 29.02
N TYR B 110 3.55 -15.42 27.95
CA TYR B 110 5.00 -15.49 27.77
C TYR B 110 5.50 -14.95 26.44
N GLY B 111 4.69 -14.15 25.72
CA GLY B 111 5.01 -13.76 24.38
C GLY B 111 5.14 -12.25 24.18
N ASP B 112 5.66 -11.89 23.01
CA ASP B 112 5.83 -10.51 22.57
C ASP B 112 4.61 -10.03 21.78
N ASP B 113 4.48 -8.71 21.70
CA ASP B 113 3.25 -8.10 21.18
C ASP B 113 2.89 -8.60 19.78
N GLU B 114 3.85 -8.55 18.86
CA GLU B 114 3.55 -8.96 17.48
C GLU B 114 3.18 -10.45 17.41
N THR B 115 3.87 -11.27 18.20
CA THR B 115 3.52 -12.70 18.26
C THR B 115 2.14 -12.90 18.86
N ILE B 116 1.80 -12.12 19.89
CA ILE B 116 0.47 -12.20 20.48
C ILE B 116 -0.59 -11.77 19.48
N LYS B 117 -0.27 -10.81 18.62
CA LYS B 117 -1.18 -10.46 17.53
C LYS B 117 -1.37 -11.65 16.60
N GLU B 118 -0.26 -12.25 16.15
CA GLU B 118 -0.36 -13.44 15.31
C GLU B 118 -1.27 -14.49 15.93
N ALA B 119 -1.11 -14.73 17.24
CA ALA B 119 -1.88 -15.76 17.92
C ALA B 119 -3.35 -15.38 18.02
N GLN B 120 -3.63 -14.12 18.37
CA GLN B 120 -5.01 -13.64 18.35
C GLN B 120 -5.65 -13.83 16.98
N LYS B 121 -4.86 -13.70 15.91
CA LYS B 121 -5.45 -13.74 14.57
C LYS B 121 -5.75 -15.18 14.20
N LEU B 122 -4.84 -16.08 14.55
CA LEU B 122 -5.13 -17.50 14.45
C LEU B 122 -6.34 -17.88 15.30
N LEU B 123 -6.52 -17.24 16.45
CA LEU B 123 -7.67 -17.54 17.30
C LEU B 123 -8.98 -17.11 16.65
N ILE B 124 -9.05 -15.89 16.13
CA ILE B 124 -10.29 -15.45 15.51
C ILE B 124 -10.50 -16.16 14.18
N LYS B 125 -9.43 -16.58 13.50
CA LYS B 125 -9.58 -17.41 12.32
C LYS B 125 -10.16 -18.77 12.69
N ALA B 126 -9.78 -19.31 13.85
CA ALA B 126 -10.40 -20.55 14.31
C ALA B 126 -11.86 -20.33 14.68
N GLU B 127 -12.17 -19.20 15.32
CA GLU B 127 -13.55 -18.84 15.57
C GLU B 127 -14.37 -18.82 14.28
N LEU B 128 -13.79 -18.25 13.23
CA LEU B 128 -14.47 -18.20 11.94
C LEU B 128 -14.65 -19.60 11.35
N ALA B 129 -13.56 -20.38 11.29
CA ALA B 129 -13.61 -21.72 10.73
C ALA B 129 -14.56 -22.62 11.50
N VAL B 130 -14.83 -22.32 12.76
CA VAL B 130 -15.85 -23.06 13.50
C VAL B 130 -17.22 -22.84 12.88
N LYS B 131 -17.51 -21.62 12.43
CA LYS B 131 -18.82 -21.33 11.88
C LYS B 131 -19.01 -21.94 10.50
N GLU B 132 -17.95 -21.98 9.69
CA GLU B 132 -18.02 -22.52 8.35
C GLU B 132 -17.73 -24.02 8.29
N GLY B 133 -17.57 -24.67 9.44
CA GLY B 133 -17.30 -26.09 9.45
C GLY B 133 -15.97 -26.50 8.89
N ASP B 134 -15.00 -25.59 8.84
CA ASP B 134 -13.66 -25.89 8.31
C ASP B 134 -12.84 -26.54 9.41
N LEU B 135 -12.79 -27.88 9.40
CA LEU B 135 -12.10 -28.63 10.44
C LEU B 135 -10.60 -28.77 10.16
N GLU B 136 -10.23 -29.01 8.90
CA GLU B 136 -8.82 -29.20 8.57
C GLU B 136 -8.01 -27.93 8.85
N THR B 137 -8.56 -26.78 8.49
CA THR B 137 -7.90 -25.52 8.85
C THR B 137 -7.82 -25.35 10.36
N LEU B 138 -8.83 -25.81 11.09
CA LEU B 138 -8.79 -25.78 12.54
C LEU B 138 -7.60 -26.58 13.07
N LYS B 139 -7.40 -27.78 12.52
CA LYS B 139 -6.25 -28.60 12.92
C LYS B 139 -4.94 -27.91 12.57
N LYS B 140 -4.89 -27.26 11.41
CA LYS B 140 -3.66 -26.57 11.01
C LYS B 140 -3.33 -25.43 11.95
N ILE B 141 -4.35 -24.64 12.34
CA ILE B 141 -4.12 -23.56 13.29
C ILE B 141 -3.72 -24.12 14.65
N LEU B 142 -4.28 -25.25 15.05
CA LEU B 142 -3.88 -25.87 16.31
C LEU B 142 -2.39 -26.26 16.28
N LYS B 143 -1.97 -26.92 15.19
CA LYS B 143 -0.57 -27.31 15.08
C LYS B 143 0.34 -26.08 15.08
N GLU B 144 -0.05 -25.02 14.36
CA GLU B 144 0.74 -23.80 14.36
C GLU B 144 0.81 -23.18 15.75
N MET B 145 -0.25 -23.32 16.55
CA MET B 145 -0.23 -22.82 17.92
C MET B 145 0.78 -23.60 18.76
N GLU B 146 0.69 -24.92 18.73
CA GLU B 146 1.64 -25.76 19.47
C GLU B 146 3.08 -25.48 19.04
N LYS B 147 3.23 -24.91 17.86
CA LYS B 147 4.57 -24.67 17.34
C LYS B 147 5.03 -23.32 17.73
N MET B 148 4.09 -22.43 17.85
CA MET B 148 4.44 -21.08 18.28
C MET B 148 4.77 -21.01 19.76
N VAL B 149 4.12 -21.85 20.58
CA VAL B 149 4.43 -21.82 22.01
C VAL B 149 5.78 -22.47 22.34
N LYS B 150 6.38 -23.18 21.39
CA LYS B 150 7.66 -23.83 21.62
C LYS B 150 8.84 -23.03 21.09
N GLU B 151 8.61 -21.86 20.49
CA GLU B 151 9.67 -21.05 19.93
C GLU B 151 9.84 -19.69 20.61
N VAL B 152 8.83 -19.20 21.31
CA VAL B 152 8.95 -17.91 22.00
C VAL B 152 9.82 -18.02 23.24
N LYS B 153 10.07 -19.24 23.73
CA LYS B 153 10.90 -19.44 24.91
C LYS B 153 12.01 -20.46 24.63
N ASP C 1 13.82 12.02 10.88
CA ASP C 1 12.74 11.06 11.02
C ASP C 1 11.62 11.32 10.01
N LEU C 2 10.80 12.33 10.29
CA LEU C 2 9.69 12.65 9.38
C LEU C 2 10.20 13.32 8.11
N GLU C 3 11.24 14.15 8.23
CA GLU C 3 11.79 14.83 7.06
C GLU C 3 12.42 13.84 6.08
N ASP C 4 12.84 12.67 6.54
CA ASP C 4 13.33 11.65 5.62
C ASP C 4 12.22 11.13 4.72
N LEU C 5 11.07 10.79 5.32
CA LEU C 5 9.90 10.40 4.53
C LEU C 5 9.46 11.53 3.63
N LEU C 6 9.54 12.77 4.12
CA LEU C 6 9.24 13.93 3.29
C LEU C 6 10.14 13.97 2.06
N GLU C 7 11.45 13.73 2.26
CA GLU C 7 12.37 13.70 1.13
C GLU C 7 12.01 12.59 0.16
N LYS C 8 11.69 11.40 0.68
CA LYS C 8 11.34 10.29 -0.21
C LYS C 8 10.15 10.65 -1.08
N ILE C 9 9.07 11.14 -0.46
CA ILE C 9 7.87 11.44 -1.23
C ILE C 9 8.08 12.63 -2.16
N LYS C 10 8.93 13.59 -1.76
CA LYS C 10 9.20 14.73 -2.62
C LYS C 10 9.99 14.31 -3.85
N ASP C 11 11.01 13.48 -3.66
CA ASP C 11 11.70 12.86 -4.79
C ASP C 11 10.71 12.15 -5.70
N ILE C 12 9.79 11.37 -5.10
CA ILE C 12 8.85 10.59 -5.89
C ILE C 12 7.98 11.51 -6.74
N VAL C 13 7.49 12.61 -6.15
CA VAL C 13 6.65 13.54 -6.92
C VAL C 13 7.47 14.19 -8.02
N LEU C 14 8.72 14.58 -7.72
CA LEU C 14 9.58 15.20 -8.72
C LEU C 14 9.79 14.27 -9.92
N LYS C 15 9.93 12.96 -9.66
CA LYS C 15 10.12 12.04 -10.79
C LYS C 15 8.80 11.66 -11.45
N VAL C 16 7.69 11.73 -10.72
CA VAL C 16 6.39 11.50 -11.35
C VAL C 16 6.10 12.63 -12.35
N MET C 17 6.58 13.83 -12.04
CA MET C 17 6.34 14.97 -12.94
C MET C 17 7.09 14.88 -14.26
N ASP C 18 8.07 13.98 -14.42
CA ASP C 18 8.92 14.05 -15.59
C ASP C 18 8.34 13.31 -16.80
N ILE C 19 7.51 12.28 -16.56
CA ILE C 19 6.92 11.54 -17.67
C ILE C 19 5.42 11.34 -17.54
N GLY C 20 4.83 11.40 -16.36
CA GLY C 20 3.44 11.09 -16.18
C GLY C 20 2.50 12.08 -16.85
N ASP C 21 1.23 11.72 -16.91
CA ASP C 21 0.20 12.58 -17.46
C ASP C 21 -0.34 13.51 -16.38
N ASP C 22 -1.20 14.44 -16.80
CA ASP C 22 -1.66 15.51 -15.91
C ASP C 22 -2.34 14.97 -14.67
N GLU C 23 -3.11 13.88 -14.81
CA GLU C 23 -3.78 13.30 -13.65
C GLU C 23 -2.77 12.73 -12.66
N THR C 24 -1.74 12.05 -13.18
CA THR C 24 -0.70 11.52 -12.30
C THR C 24 0.03 12.64 -11.56
N ILE C 25 0.32 13.74 -12.26
CA ILE C 25 1.02 14.86 -11.63
C ILE C 25 0.13 15.50 -10.56
N LYS C 26 -1.15 15.66 -10.86
CA LYS C 26 -2.06 16.26 -9.88
C LYS C 26 -2.20 15.39 -8.64
N ARG C 27 -2.31 14.06 -8.83
CA ARG C 27 -2.38 13.16 -7.69
C ARG C 27 -1.08 13.16 -6.89
N ALA C 28 0.06 13.26 -7.58
CA ALA C 28 1.34 13.33 -6.88
C ALA C 28 1.43 14.59 -6.03
N GLN C 29 0.99 15.73 -6.57
CA GLN C 29 0.99 16.96 -5.77
C GLN C 29 -0.01 16.88 -4.63
N LYS C 30 -1.14 16.20 -4.85
CA LYS C 30 -2.10 15.97 -3.77
C LYS C 30 -1.45 15.21 -2.63
N LEU C 31 -0.75 14.13 -2.95
CA LEU C 31 -0.05 13.35 -1.92
C LEU C 31 1.04 14.19 -1.26
N LEU C 32 1.71 15.04 -2.03
CA LEU C 32 2.75 15.91 -1.48
C LEU C 32 2.19 16.85 -0.43
N ILE C 33 1.10 17.54 -0.76
CA ILE C 33 0.54 18.51 0.18
C ILE C 33 -0.12 17.81 1.37
N LYS C 34 -0.72 16.64 1.15
CA LYS C 34 -1.24 15.85 2.27
C LYS C 34 -0.11 15.46 3.21
N ALA C 35 1.02 15.03 2.64
CA ALA C 35 2.22 14.77 3.44
C ALA C 35 2.58 16.00 4.26
N GLU C 36 2.86 17.12 3.58
CA GLU C 36 3.21 18.37 4.24
C GLU C 36 2.27 18.68 5.42
N LEU C 37 0.96 18.51 5.21
CA LEU C 37 0.00 18.67 6.27
C LEU C 37 0.31 17.75 7.45
N ALA C 38 0.47 16.46 7.18
CA ALA C 38 0.71 15.50 8.26
C ALA C 38 2.03 15.77 8.97
N VAL C 39 3.06 16.16 8.22
CA VAL C 39 4.38 16.41 8.78
C VAL C 39 4.36 17.66 9.66
N GLU C 40 3.55 18.65 9.29
CA GLU C 40 3.40 19.82 10.15
C GLU C 40 2.60 19.47 11.41
N ASN C 41 1.62 18.59 11.27
CA ASN C 41 0.79 18.19 12.40
C ASN C 41 1.36 17.00 13.17
N LYS C 42 2.51 16.47 12.76
CA LYS C 42 3.21 15.39 13.45
C LYS C 42 2.35 14.13 13.56
N ASP C 43 2.43 13.27 12.53
CA ASP C 43 1.69 12.00 12.54
C ASP C 43 2.46 11.04 11.63
N LEU C 44 3.26 10.17 12.24
CA LEU C 44 4.16 9.31 11.47
C LEU C 44 3.38 8.33 10.59
N LYS C 45 2.32 7.75 11.14
CA LYS C 45 1.52 6.78 10.38
C LYS C 45 1.04 7.38 9.06
N GLU C 46 0.55 8.62 9.11
CA GLU C 46 0.07 9.28 7.90
C GLU C 46 1.18 9.42 6.88
N VAL C 47 2.27 10.10 7.25
CA VAL C 47 3.39 10.32 6.32
C VAL C 47 3.87 9.00 5.74
N GLU C 48 3.91 7.95 6.55
CA GLU C 48 4.32 6.64 6.04
C GLU C 48 3.36 6.13 4.97
N LYS C 49 2.06 6.20 5.23
CA LYS C 49 1.11 5.70 4.23
C LYS C 49 1.10 6.59 2.98
N LEU C 50 1.34 7.88 3.14
CA LEU C 50 1.46 8.77 1.99
C LEU C 50 2.68 8.41 1.15
N LEU C 51 3.78 8.05 1.82
CA LEU C 51 4.94 7.54 1.10
C LEU C 51 4.62 6.26 0.37
N LYS C 52 3.87 5.35 1.02
CA LYS C 52 3.44 4.12 0.36
C LYS C 52 2.65 4.43 -0.90
N GLU C 53 1.68 5.35 -0.80
CA GLU C 53 0.87 5.71 -1.95
C GLU C 53 1.70 6.40 -3.03
N ALA C 54 2.72 7.17 -2.65
CA ALA C 54 3.56 7.82 -3.64
C ALA C 54 4.37 6.79 -4.43
N GLU C 55 5.01 5.85 -3.72
CA GLU C 55 5.68 4.76 -4.40
C GLU C 55 4.70 3.94 -5.22
N LYS C 56 3.45 3.88 -4.79
CA LYS C 56 2.42 3.17 -5.54
C LYS C 56 2.11 3.86 -6.87
N VAL C 57 1.97 5.19 -6.86
CA VAL C 57 1.76 5.90 -8.11
C VAL C 57 3.00 5.84 -8.99
N TYR C 58 4.19 5.75 -8.38
CA TYR C 58 5.38 5.52 -9.18
C TYR C 58 5.35 4.14 -9.84
N LYS C 59 4.87 3.13 -9.12
CA LYS C 59 4.68 1.82 -9.73
C LYS C 59 3.56 1.83 -10.75
N GLU C 60 2.63 2.79 -10.64
CA GLU C 60 1.61 2.94 -11.67
C GLU C 60 2.20 3.46 -12.97
N VAL C 61 3.28 4.22 -12.90
CA VAL C 61 3.96 4.73 -14.08
C VAL C 61 5.23 3.92 -14.31
N LYS C 62 5.10 2.60 -14.43
CA LYS C 62 6.23 1.72 -14.70
C LYS C 62 7.00 2.15 -15.93
N ASN D 1 -8.49 11.74 -11.00
CA ASN D 1 -9.54 11.51 -10.03
C ASN D 1 -10.65 10.65 -10.62
N ILE D 2 -10.57 10.41 -11.93
CA ILE D 2 -11.57 9.57 -12.60
C ILE D 2 -11.39 8.12 -12.22
N LYS D 3 -10.14 7.64 -12.17
CA LYS D 3 -9.88 6.28 -11.72
C LYS D 3 -10.39 6.08 -10.29
N GLU D 4 -10.17 7.08 -9.43
CA GLU D 4 -10.71 7.01 -8.07
C GLU D 4 -12.23 6.92 -8.08
N THR D 5 -12.88 7.65 -9.00
CA THR D 5 -14.32 7.55 -9.11
C THR D 5 -14.76 6.16 -9.54
N LEU D 6 -13.98 5.53 -10.42
CA LEU D 6 -14.30 4.16 -10.81
C LEU D 6 -14.16 3.20 -9.64
N GLN D 7 -13.11 3.35 -8.84
CA GLN D 7 -12.93 2.48 -7.67
C GLN D 7 -14.05 2.68 -6.66
N LYS D 8 -14.46 3.93 -6.44
CA LYS D 8 -15.57 4.20 -5.54
C LYS D 8 -16.88 3.66 -6.09
N ILE D 9 -17.06 3.71 -7.41
CA ILE D 9 -18.24 3.10 -8.03
C ILE D 9 -18.25 1.60 -7.76
N LYS D 10 -17.09 0.95 -7.89
CA LYS D 10 -17.01 -0.47 -7.59
C LYS D 10 -17.33 -0.74 -6.12
N GLU D 11 -16.84 0.12 -5.22
CA GLU D 11 -17.19 -0.02 -3.81
C GLU D 11 -18.71 0.09 -3.59
N VAL D 12 -19.34 1.03 -4.30
CA VAL D 12 -20.77 1.21 -4.13
C VAL D 12 -21.53 -0.01 -4.64
N VAL D 13 -21.18 -0.51 -5.82
CA VAL D 13 -21.85 -1.71 -6.32
C VAL D 13 -21.58 -2.90 -5.40
N LEU D 14 -20.40 -2.94 -4.76
CA LEU D 14 -20.14 -3.90 -3.71
C LEU D 14 -21.23 -3.84 -2.65
N GLU D 15 -21.43 -2.65 -2.09
CA GLU D 15 -22.46 -2.45 -1.07
C GLU D 15 -23.84 -2.88 -1.57
N ILE D 16 -24.18 -2.52 -2.82
CA ILE D 16 -25.51 -2.84 -3.34
C ILE D 16 -25.70 -4.34 -3.47
N MET D 17 -24.66 -5.07 -3.92
CA MET D 17 -24.77 -6.52 -3.98
C MET D 17 -24.85 -7.13 -2.58
N ASP D 18 -24.28 -6.47 -1.57
CA ASP D 18 -24.40 -7.00 -0.21
C ASP D 18 -25.82 -6.85 0.33
N LYS D 19 -26.49 -5.73 0.05
CA LYS D 19 -27.83 -5.45 0.58
C LYS D 19 -28.73 -4.94 -0.55
N GLY D 20 -29.03 -5.81 -1.50
CA GLY D 20 -29.89 -5.44 -2.61
C GLY D 20 -30.49 -6.65 -3.28
N ASP D 21 -31.59 -6.41 -4.00
CA ASP D 21 -32.27 -7.46 -4.74
C ASP D 21 -31.62 -7.67 -6.10
N ASP D 22 -32.18 -8.58 -6.89
CA ASP D 22 -31.60 -8.90 -8.19
C ASP D 22 -31.74 -7.75 -9.17
N GLU D 23 -32.84 -6.99 -9.09
CA GLU D 23 -33.04 -5.88 -10.01
C GLU D 23 -32.04 -4.75 -9.75
N GLN D 24 -31.90 -4.36 -8.48
CA GLN D 24 -30.92 -3.33 -8.14
C GLN D 24 -29.50 -3.79 -8.44
N ILE D 25 -29.21 -5.07 -8.26
CA ILE D 25 -27.88 -5.59 -8.57
C ILE D 25 -27.63 -5.53 -10.08
N LYS D 26 -28.64 -5.89 -10.87
CA LYS D 26 -28.53 -5.79 -12.33
C LYS D 26 -28.27 -4.35 -12.74
N LEU D 27 -29.01 -3.40 -12.15
CA LEU D 27 -28.82 -2.00 -12.50
C LEU D 27 -27.43 -1.51 -12.10
N ALA D 28 -26.97 -1.89 -10.90
CA ALA D 28 -25.64 -1.48 -10.46
C ALA D 28 -24.56 -2.05 -11.37
N GLN D 29 -24.74 -3.29 -11.84
CA GLN D 29 -23.75 -3.87 -12.74
C GLN D 29 -23.77 -3.18 -14.10
N SER D 30 -24.96 -2.85 -14.61
CA SER D 30 -25.04 -2.11 -15.87
C SER D 30 -24.35 -0.75 -15.74
N LEU D 31 -24.56 -0.08 -14.61
CA LEU D 31 -23.90 1.21 -14.39
C LEU D 31 -22.39 1.04 -14.28
N LEU D 32 -21.93 -0.02 -13.60
CA LEU D 32 -20.50 -0.27 -13.50
C LEU D 32 -19.89 -0.53 -14.87
N ILE D 33 -20.61 -1.21 -15.75
CA ILE D 33 -20.07 -1.49 -17.07
C ILE D 33 -20.07 -0.23 -17.93
N VAL D 34 -21.10 0.60 -17.81
CA VAL D 34 -21.07 1.91 -18.48
C VAL D 34 -19.87 2.70 -18.01
N ALA D 35 -19.60 2.67 -16.69
CA ALA D 35 -18.48 3.42 -16.15
C ALA D 35 -17.15 2.87 -16.63
N GLU D 36 -17.05 1.54 -16.80
CA GLU D 36 -15.83 0.97 -17.37
C GLU D 36 -15.63 1.43 -18.80
N ILE D 37 -16.70 1.43 -19.60
CA ILE D 37 -16.61 1.97 -20.96
C ILE D 37 -16.14 3.42 -20.92
N ALA D 38 -16.75 4.21 -20.04
CA ALA D 38 -16.44 5.63 -19.96
C ALA D 38 -14.99 5.88 -19.51
N VAL D 39 -14.48 5.01 -18.63
CA VAL D 39 -13.07 5.08 -18.27
C VAL D 39 -12.20 4.78 -19.46
N ALA D 40 -12.58 3.77 -20.25
CA ALA D 40 -11.82 3.42 -21.45
C ALA D 40 -11.75 4.59 -22.42
N VAL D 41 -12.89 5.26 -22.65
CA VAL D 41 -12.88 6.39 -23.57
C VAL D 41 -12.35 7.64 -22.88
N GLY D 42 -12.72 7.85 -21.62
CA GLY D 42 -12.27 9.02 -20.89
C GLY D 42 -13.33 10.10 -20.79
N ASP D 43 -14.58 9.69 -20.60
CA ASP D 43 -15.70 10.61 -20.44
C ASP D 43 -15.95 10.79 -18.95
N LYS D 44 -15.43 11.88 -18.40
CA LYS D 44 -15.55 12.13 -16.96
C LYS D 44 -16.99 12.43 -16.58
N GLU D 45 -17.75 13.07 -17.47
CA GLU D 45 -19.17 13.31 -17.21
C GLU D 45 -19.91 12.00 -16.96
N THR D 46 -19.62 10.98 -17.79
CA THR D 46 -20.35 9.72 -17.67
C THR D 46 -19.96 8.98 -16.39
N VAL D 47 -18.68 8.98 -16.02
CA VAL D 47 -18.30 8.29 -14.79
C VAL D 47 -18.87 9.02 -13.57
N GLU D 48 -18.92 10.35 -13.62
CA GLU D 48 -19.54 11.10 -12.52
C GLU D 48 -21.02 10.78 -12.43
N LYS D 49 -21.71 10.70 -13.56
CA LYS D 49 -23.12 10.37 -13.56
C LYS D 49 -23.35 8.96 -13.03
N MET D 50 -22.49 8.01 -13.40
CA MET D 50 -22.64 6.65 -12.91
C MET D 50 -22.40 6.58 -11.40
N TYR D 51 -21.41 7.33 -10.91
CA TYR D 51 -21.21 7.43 -9.46
C TYR D 51 -22.45 7.96 -8.78
N LYS D 52 -23.06 9.01 -9.35
CA LYS D 52 -24.26 9.59 -8.76
C LYS D 52 -25.42 8.60 -8.75
N GLU D 53 -25.61 7.88 -9.85
CA GLU D 53 -26.73 6.94 -9.92
C GLU D 53 -26.50 5.75 -8.99
N ALA D 54 -25.26 5.30 -8.84
CA ALA D 54 -24.98 4.22 -7.90
C ALA D 54 -25.21 4.67 -6.45
N LYS D 55 -24.78 5.88 -6.11
CA LYS D 55 -25.06 6.41 -4.78
C LYS D 55 -26.56 6.58 -4.57
N TYR D 56 -27.30 6.91 -5.62
CA TYR D 56 -28.75 7.01 -5.48
C TYR D 56 -29.36 5.65 -5.22
N ILE D 57 -28.92 4.62 -5.96
CA ILE D 57 -29.43 3.27 -5.72
C ILE D 57 -29.16 2.85 -4.29
N LEU D 58 -27.95 3.13 -3.80
CA LEU D 58 -27.61 2.74 -2.43
C LEU D 58 -28.45 3.48 -1.41
N ASP D 59 -28.63 4.79 -1.60
CA ASP D 59 -29.39 5.58 -0.63
C ASP D 59 -30.88 5.23 -0.64
N ASN D 60 -31.39 4.70 -1.74
CA ASN D 60 -32.82 4.39 -1.85
C ASN D 60 -33.04 2.93 -2.19
N ILE D 61 -32.41 2.02 -1.44
CA ILE D 61 -32.51 0.59 -1.76
C ILE D 61 -33.89 0.03 -1.44
N ASN D 62 -34.67 0.71 -0.60
CA ASN D 62 -36.01 0.27 -0.25
C ASN D 62 -37.11 1.18 -0.78
N SER D 63 -36.79 2.38 -1.25
CA SER D 63 -37.77 3.30 -1.79
C SER D 63 -37.83 3.29 -3.31
N ILE D 64 -36.88 2.62 -3.98
CA ILE D 64 -36.85 2.62 -5.44
C ILE D 64 -37.95 1.73 -5.99
N THR D 65 -38.30 1.98 -7.25
CA THR D 65 -39.34 1.22 -7.95
C THR D 65 -38.77 0.62 -9.23
N ASP D 66 -39.47 -0.41 -9.74
CA ASP D 66 -38.99 -1.10 -10.92
C ASP D 66 -39.10 -0.26 -12.18
N GLU D 67 -40.08 0.65 -12.24
CA GLU D 67 -40.21 1.54 -13.39
C GLU D 67 -38.96 2.40 -13.54
N GLU D 68 -38.56 3.05 -12.45
CA GLU D 68 -37.30 3.79 -12.43
C GLU D 68 -36.15 2.91 -12.87
N ILE D 69 -36.06 1.70 -12.31
CA ILE D 69 -34.93 0.82 -12.59
C ILE D 69 -34.85 0.53 -14.09
N LYS D 70 -35.98 0.19 -14.71
CA LYS D 70 -35.99 -0.08 -16.15
C LYS D 70 -35.59 1.16 -16.93
N LYS D 71 -36.06 2.34 -16.51
CA LYS D 71 -35.66 3.57 -17.18
C LYS D 71 -34.14 3.75 -17.13
N MET D 72 -33.54 3.54 -15.96
CA MET D 72 -32.10 3.68 -15.82
C MET D 72 -31.36 2.66 -16.67
N LEU D 73 -31.87 1.43 -16.72
CA LEU D 73 -31.22 0.39 -17.54
C LEU D 73 -31.21 0.80 -19.00
N GLU D 74 -32.37 1.21 -19.54
CA GLU D 74 -32.45 1.55 -20.95
C GLU D 74 -31.60 2.78 -21.27
N GLU D 75 -31.61 3.79 -20.40
CA GLU D 75 -30.80 4.97 -20.70
C GLU D 75 -29.31 4.68 -20.53
N ALA D 76 -28.94 3.74 -19.65
CA ALA D 76 -27.54 3.33 -19.58
C ALA D 76 -27.12 2.62 -20.85
N ALA D 77 -27.99 1.78 -21.40
CA ALA D 77 -27.71 1.17 -22.70
C ALA D 77 -27.48 2.24 -23.75
N LYS D 78 -28.39 3.23 -23.83
CA LYS D 78 -28.23 4.30 -24.80
C LYS D 78 -26.95 5.09 -24.57
N ILE D 79 -26.62 5.34 -23.30
CA ILE D 79 -25.42 6.11 -22.95
C ILE D 79 -24.17 5.40 -23.47
N ALA D 80 -24.06 4.10 -23.18
CA ALA D 80 -22.88 3.36 -23.64
C ALA D 80 -22.83 3.26 -25.16
N LYS D 81 -24.00 3.08 -25.79
CA LYS D 81 -24.02 2.97 -27.24
C LYS D 81 -23.71 4.30 -27.92
N LYS D 82 -23.84 5.42 -27.20
CA LYS D 82 -23.31 6.69 -27.69
C LYS D 82 -21.83 6.83 -27.36
N LEU D 83 -21.41 6.39 -26.18
CA LEU D 83 -20.01 6.44 -25.79
C LEU D 83 -19.12 5.58 -26.66
N LEU D 84 -19.71 4.72 -27.49
CA LEU D 84 -18.95 3.96 -28.48
C LEU D 84 -18.50 4.77 -29.69
N GLU D 85 -18.71 6.10 -29.72
CA GLU D 85 -18.34 6.93 -30.85
C GLU D 85 -17.26 7.94 -30.48
N LYS D 86 -16.44 7.63 -29.48
CA LYS D 86 -15.43 8.56 -29.01
C LYS D 86 -14.12 7.82 -28.73
N ALA D 87 -13.93 6.68 -29.39
CA ALA D 87 -12.75 5.86 -29.18
C ALA D 87 -12.22 5.27 -30.49
N LYS D 88 -12.60 5.83 -31.64
CA LYS D 88 -12.13 5.29 -32.91
C LYS D 88 -10.62 5.38 -33.04
N ASP D 89 -10.00 6.32 -32.33
CA ASP D 89 -8.55 6.49 -32.30
C ASP D 89 -7.87 5.47 -31.38
N LEU D 90 -8.60 4.48 -30.90
CA LEU D 90 -8.14 3.46 -29.99
C LEU D 90 -7.95 2.14 -30.72
N PRO D 91 -7.14 1.23 -30.20
CA PRO D 91 -6.82 -0.01 -30.94
C PRO D 91 -8.05 -0.88 -31.18
N GLU D 92 -7.85 -1.91 -32.00
CA GLU D 92 -8.93 -2.80 -32.40
C GLU D 92 -9.54 -3.51 -31.20
N GLU D 93 -8.70 -4.11 -30.36
CA GLU D 93 -9.21 -4.89 -29.24
C GLU D 93 -10.00 -4.02 -28.28
N GLU D 94 -9.60 -2.77 -28.09
CA GLU D 94 -10.33 -1.89 -27.18
C GLU D 94 -11.71 -1.57 -27.74
N ARG D 95 -11.79 -1.21 -29.02
CA ARG D 95 -13.08 -0.95 -29.65
C ARG D 95 -14.00 -2.16 -29.55
N ILE D 96 -13.45 -3.36 -29.82
CA ILE D 96 -14.29 -4.55 -29.81
C ILE D 96 -14.77 -4.86 -28.39
N LEU D 97 -13.88 -4.69 -27.40
CA LEU D 97 -14.28 -4.92 -26.01
C LEU D 97 -15.36 -3.94 -25.57
N LEU D 98 -15.25 -2.67 -25.97
CA LEU D 98 -16.26 -1.71 -25.56
C LEU D 98 -17.59 -1.96 -26.27
N ARG D 99 -17.54 -2.40 -27.53
CA ARG D 99 -18.74 -2.83 -28.22
C ARG D 99 -19.43 -3.96 -27.47
N ILE D 100 -18.64 -4.98 -27.07
CA ILE D 100 -19.19 -6.11 -26.34
C ILE D 100 -19.76 -5.65 -25.00
N LYS D 101 -19.09 -4.70 -24.34
CA LYS D 101 -19.56 -4.22 -23.05
C LYS D 101 -20.90 -3.50 -23.17
N ALA D 102 -21.01 -2.60 -24.14
CA ALA D 102 -22.28 -1.91 -24.36
C ALA D 102 -23.37 -2.89 -24.77
N LEU D 103 -23.01 -3.95 -25.49
CA LEU D 103 -24.02 -4.95 -25.86
C LEU D 103 -24.48 -5.74 -24.64
N VAL D 104 -23.56 -6.05 -23.73
CA VAL D 104 -23.95 -6.67 -22.46
C VAL D 104 -24.89 -5.76 -21.69
N ILE D 105 -24.62 -4.46 -21.72
CA ILE D 105 -25.50 -3.50 -21.06
C ILE D 105 -26.89 -3.51 -21.70
N GLU D 106 -26.93 -3.58 -23.04
CA GLU D 106 -28.20 -3.63 -23.74
C GLU D 106 -28.99 -4.87 -23.36
N VAL D 107 -28.32 -6.03 -23.28
CA VAL D 107 -29.00 -7.24 -22.85
C VAL D 107 -29.48 -7.10 -21.41
N MET D 108 -28.68 -6.50 -20.54
CA MET D 108 -29.09 -6.28 -19.16
C MET D 108 -30.27 -5.34 -19.07
N ALA D 109 -30.46 -4.47 -20.05
CA ALA D 109 -31.57 -3.53 -20.03
C ALA D 109 -32.85 -4.10 -20.66
N TYR D 110 -32.73 -5.00 -21.65
CA TYR D 110 -33.91 -5.53 -22.33
C TYR D 110 -33.96 -7.04 -22.39
N GLY D 111 -33.15 -7.76 -21.61
CA GLY D 111 -33.07 -9.21 -21.69
C GLY D 111 -33.54 -9.91 -20.43
N ASP D 112 -33.66 -11.24 -20.54
CA ASP D 112 -34.06 -12.08 -19.42
C ASP D 112 -32.82 -12.54 -18.65
N ASP D 113 -33.04 -13.30 -17.57
CA ASP D 113 -31.99 -13.53 -16.59
C ASP D 113 -30.95 -14.53 -17.10
N GLU D 114 -31.38 -15.65 -17.65
CA GLU D 114 -30.44 -16.61 -18.22
C GLU D 114 -29.60 -15.97 -19.32
N THR D 115 -30.25 -15.17 -20.16
CA THR D 115 -29.55 -14.44 -21.21
C THR D 115 -28.53 -13.47 -20.63
N ILE D 116 -28.89 -12.79 -19.54
CA ILE D 116 -27.98 -11.84 -18.90
C ILE D 116 -26.77 -12.59 -18.34
N LYS D 117 -27.00 -13.76 -17.74
CA LYS D 117 -25.89 -14.57 -17.24
C LYS D 117 -24.96 -14.96 -18.38
N GLU D 118 -25.52 -15.41 -19.50
CA GLU D 118 -24.69 -15.75 -20.66
C GLU D 118 -23.90 -14.54 -21.14
N ALA D 119 -24.53 -13.36 -21.15
CA ALA D 119 -23.86 -12.16 -21.64
C ALA D 119 -22.71 -11.75 -20.72
N GLN D 120 -22.91 -11.85 -19.40
CA GLN D 120 -21.83 -11.56 -18.48
C GLN D 120 -20.68 -12.56 -18.65
N LYS D 121 -21.01 -13.84 -18.82
CA LYS D 121 -19.98 -14.84 -19.10
C LYS D 121 -19.18 -14.47 -20.33
N LEU D 122 -19.87 -14.05 -21.40
CA LEU D 122 -19.17 -13.69 -22.62
C LEU D 122 -18.35 -12.41 -22.45
N LEU D 123 -18.78 -11.51 -21.57
CA LEU D 123 -17.98 -10.31 -21.33
C LEU D 123 -16.71 -10.63 -20.56
N ILE D 124 -16.79 -11.54 -19.59
CA ILE D 124 -15.57 -11.97 -18.91
C ILE D 124 -14.65 -12.72 -19.87
N LYS D 125 -15.24 -13.53 -20.77
CA LYS D 125 -14.43 -14.19 -21.79
C LYS D 125 -13.78 -13.19 -22.74
N ALA D 126 -14.47 -12.07 -23.03
CA ALA D 126 -13.89 -11.03 -23.85
C ALA D 126 -12.77 -10.31 -23.13
N GLU D 127 -12.90 -10.13 -21.82
CA GLU D 127 -11.77 -9.64 -21.02
C GLU D 127 -10.58 -10.58 -21.16
N LEU D 128 -10.84 -11.89 -21.06
CA LEU D 128 -9.79 -12.88 -21.28
C LEU D 128 -9.13 -12.71 -22.65
N ALA D 129 -9.96 -12.54 -23.69
CA ALA D 129 -9.44 -12.45 -25.05
C ALA D 129 -8.60 -11.19 -25.24
N VAL D 130 -9.07 -10.05 -24.72
CA VAL D 130 -8.28 -8.83 -24.79
C VAL D 130 -6.96 -9.00 -24.03
N LYS D 131 -7.02 -9.71 -22.90
CA LYS D 131 -5.79 -10.02 -22.16
C LYS D 131 -4.80 -10.78 -23.03
N GLU D 132 -5.21 -11.94 -23.54
CA GLU D 132 -4.32 -12.74 -24.38
C GLU D 132 -4.07 -12.11 -25.74
N GLY D 133 -4.92 -11.17 -26.16
CA GLY D 133 -4.85 -10.65 -27.50
C GLY D 133 -5.56 -11.50 -28.53
N ASP D 134 -6.35 -12.48 -28.10
CA ASP D 134 -7.05 -13.37 -29.01
C ASP D 134 -8.12 -12.62 -29.79
N LEU D 135 -7.73 -12.02 -30.92
CA LEU D 135 -8.70 -11.31 -31.75
C LEU D 135 -9.76 -12.25 -32.31
N GLU D 136 -9.42 -13.52 -32.51
CA GLU D 136 -10.36 -14.48 -33.07
C GLU D 136 -11.56 -14.66 -32.14
N THR D 137 -11.33 -15.11 -30.91
CA THR D 137 -12.42 -15.29 -29.97
C THR D 137 -13.08 -13.97 -29.61
N LEU D 138 -12.34 -12.86 -29.69
CA LEU D 138 -12.93 -11.55 -29.47
C LEU D 138 -14.00 -11.25 -30.50
N LYS D 139 -13.66 -11.39 -31.79
CA LYS D 139 -14.64 -11.18 -32.85
C LYS D 139 -15.76 -12.20 -32.78
N LYS D 140 -15.47 -13.43 -32.34
CA LYS D 140 -16.52 -14.42 -32.20
C LYS D 140 -17.52 -14.02 -31.11
N ILE D 141 -17.01 -13.55 -29.97
CA ILE D 141 -17.89 -13.12 -28.89
C ILE D 141 -18.67 -11.88 -29.31
N LEU D 142 -18.06 -10.99 -30.10
CA LEU D 142 -18.80 -9.87 -30.65
C LEU D 142 -19.93 -10.36 -31.56
N LYS D 143 -19.64 -11.36 -32.40
CA LYS D 143 -20.66 -11.96 -33.24
C LYS D 143 -21.84 -12.46 -32.42
N GLU D 144 -21.55 -13.21 -31.35
CA GLU D 144 -22.63 -13.76 -30.55
C GLU D 144 -23.36 -12.69 -29.75
N MET D 145 -22.65 -11.64 -29.33
CA MET D 145 -23.29 -10.48 -28.72
C MET D 145 -24.32 -9.87 -29.67
N GLU D 146 -23.87 -9.50 -30.88
CA GLU D 146 -24.77 -8.91 -31.86
C GLU D 146 -25.90 -9.87 -32.23
N LYS D 147 -25.67 -11.17 -32.08
CA LYS D 147 -26.71 -12.14 -32.42
C LYS D 147 -27.59 -12.34 -31.23
N MET D 148 -27.35 -11.59 -30.20
CA MET D 148 -28.19 -11.65 -29.01
C MET D 148 -29.03 -10.40 -28.77
N VAL D 149 -28.51 -9.23 -29.12
CA VAL D 149 -29.27 -8.00 -28.96
C VAL D 149 -30.23 -7.82 -30.15
N LEU E 2 0.38 -10.33 -11.51
CA LEU E 2 -0.80 -9.70 -10.91
C LEU E 2 -2.01 -9.99 -11.80
N GLU E 3 -1.93 -9.48 -13.03
CA GLU E 3 -2.96 -9.77 -14.01
C GLU E 3 -3.07 -11.27 -14.29
N ASP E 4 -2.02 -12.05 -14.01
CA ASP E 4 -2.10 -13.50 -14.19
C ASP E 4 -3.00 -14.14 -13.12
N LEU E 5 -2.76 -13.82 -11.85
CA LEU E 5 -3.67 -14.26 -10.79
C LEU E 5 -5.10 -13.76 -11.05
N LEU E 6 -5.21 -12.57 -11.63
CA LEU E 6 -6.52 -12.05 -12.04
C LEU E 6 -7.16 -12.94 -13.09
N GLU E 7 -6.37 -13.36 -14.08
CA GLU E 7 -6.89 -14.26 -15.10
C GLU E 7 -7.39 -15.55 -14.48
N LYS E 8 -6.69 -16.04 -13.48
CA LYS E 8 -7.13 -17.27 -12.81
C LYS E 8 -8.48 -17.06 -12.12
N ILE E 9 -8.60 -16.02 -11.29
CA ILE E 9 -9.89 -15.83 -10.62
C ILE E 9 -10.99 -15.57 -11.65
N LYS E 10 -10.64 -14.93 -12.77
CA LYS E 10 -11.59 -14.76 -13.86
C LYS E 10 -12.10 -16.09 -14.37
N ASP E 11 -11.19 -17.01 -14.69
CA ASP E 11 -11.60 -18.34 -15.16
C ASP E 11 -12.48 -19.04 -14.13
N ILE E 12 -12.12 -18.92 -12.85
CA ILE E 12 -12.91 -19.55 -11.79
C ILE E 12 -14.34 -19.03 -11.83
N VAL E 13 -14.51 -17.72 -11.59
CA VAL E 13 -15.86 -17.16 -11.49
C VAL E 13 -16.62 -17.39 -12.77
N LEU E 14 -15.92 -17.42 -13.91
CA LEU E 14 -16.55 -17.77 -15.17
C LEU E 14 -17.19 -19.14 -15.10
N LYS E 15 -16.43 -20.14 -14.67
CA LYS E 15 -16.95 -21.51 -14.66
C LYS E 15 -18.07 -21.66 -13.61
N VAL E 16 -18.03 -20.86 -12.54
CA VAL E 16 -19.05 -21.01 -11.50
C VAL E 16 -20.45 -20.73 -12.02
N MET E 17 -20.58 -19.91 -13.07
CA MET E 17 -21.90 -19.47 -13.52
C MET E 17 -22.66 -20.56 -14.26
N ASP E 18 -21.97 -21.46 -14.95
CA ASP E 18 -22.66 -22.42 -15.82
C ASP E 18 -23.57 -23.37 -15.05
N ILE E 19 -23.31 -23.60 -13.77
CA ILE E 19 -24.08 -24.56 -12.98
C ILE E 19 -24.54 -23.92 -11.69
N GLY E 20 -23.98 -22.77 -11.34
CA GLY E 20 -24.29 -22.14 -10.08
C GLY E 20 -25.67 -21.50 -10.07
N ASP E 21 -26.18 -21.29 -8.86
CA ASP E 21 -27.46 -20.61 -8.66
C ASP E 21 -27.26 -19.10 -8.56
N ASP E 22 -28.32 -18.37 -8.88
CA ASP E 22 -28.27 -16.90 -8.93
C ASP E 22 -28.22 -16.25 -7.55
N GLU E 23 -27.48 -16.84 -6.62
CA GLU E 23 -27.24 -16.24 -5.32
C GLU E 23 -25.76 -16.31 -4.98
N THR E 24 -25.19 -17.52 -5.04
CA THR E 24 -23.75 -17.67 -4.92
C THR E 24 -23.02 -17.03 -6.09
N ILE E 25 -23.68 -16.87 -7.23
CA ILE E 25 -23.10 -16.14 -8.35
C ILE E 25 -22.82 -14.71 -7.94
N LYS E 26 -23.71 -14.10 -7.15
CA LYS E 26 -23.45 -12.76 -6.63
C LYS E 26 -22.18 -12.75 -5.77
N ARG E 27 -22.01 -13.77 -4.93
CA ARG E 27 -20.79 -13.87 -4.13
C ARG E 27 -19.55 -13.90 -5.00
N ALA E 28 -19.50 -14.83 -5.96
CA ALA E 28 -18.31 -14.95 -6.80
C ALA E 28 -18.05 -13.68 -7.61
N GLN E 29 -19.12 -13.05 -8.11
CA GLN E 29 -18.99 -11.77 -8.80
C GLN E 29 -18.36 -10.72 -7.90
N LYS E 30 -18.82 -10.65 -6.65
CA LYS E 30 -18.29 -9.67 -5.73
C LYS E 30 -16.83 -9.95 -5.41
N LEU E 31 -16.46 -11.23 -5.31
CA LEU E 31 -15.04 -11.56 -5.15
C LEU E 31 -14.23 -11.08 -6.34
N LEU E 32 -14.76 -11.27 -7.55
CA LEU E 32 -14.04 -10.79 -8.74
C LEU E 32 -13.88 -9.27 -8.71
N ILE E 33 -14.90 -8.55 -8.28
CA ILE E 33 -14.82 -7.09 -8.30
C ILE E 33 -13.84 -6.60 -7.23
N LYS E 34 -13.87 -7.23 -6.05
CA LYS E 34 -12.88 -6.90 -5.02
C LYS E 34 -11.46 -7.22 -5.49
N ALA E 35 -11.31 -8.29 -6.27
CA ALA E 35 -10.00 -8.59 -6.83
C ALA E 35 -9.57 -7.54 -7.84
N GLU E 36 -10.52 -7.03 -8.62
CA GLU E 36 -10.23 -5.91 -9.52
C GLU E 36 -9.72 -4.71 -8.72
N LEU E 37 -10.41 -4.39 -7.63
CA LEU E 37 -9.95 -3.31 -6.74
C LEU E 37 -8.54 -3.58 -6.24
N ALA E 38 -8.27 -4.82 -5.84
CA ALA E 38 -6.96 -5.16 -5.28
C ALA E 38 -5.86 -4.98 -6.33
N VAL E 39 -6.08 -5.48 -7.55
CA VAL E 39 -5.04 -5.38 -8.56
C VAL E 39 -4.85 -3.93 -8.99
N GLU E 40 -5.94 -3.14 -9.01
CA GLU E 40 -5.78 -1.72 -9.31
C GLU E 40 -5.04 -0.99 -8.20
N ASN E 41 -5.14 -1.48 -6.97
CA ASN E 41 -4.47 -0.86 -5.83
C ASN E 41 -3.07 -1.41 -5.59
N LYS E 42 -2.65 -2.43 -6.34
CA LYS E 42 -1.30 -3.00 -6.24
C LYS E 42 -0.95 -3.35 -4.79
N ASP E 43 -1.56 -4.44 -4.33
CA ASP E 43 -1.41 -4.86 -2.93
C ASP E 43 -0.51 -6.08 -2.75
N LEU E 44 -0.60 -7.06 -3.65
CA LEU E 44 0.27 -8.25 -3.61
C LEU E 44 0.13 -9.01 -2.28
N LYS E 45 -1.11 -9.12 -1.81
CA LYS E 45 -1.44 -9.88 -0.61
C LYS E 45 -2.90 -10.29 -0.67
N GLU E 46 -3.79 -9.30 -0.87
CA GLU E 46 -5.19 -9.59 -1.14
C GLU E 46 -5.36 -10.34 -2.45
N VAL E 47 -4.41 -10.21 -3.37
CA VAL E 47 -4.49 -10.96 -4.63
C VAL E 47 -4.50 -12.45 -4.36
N GLU E 48 -3.91 -12.88 -3.25
CA GLU E 48 -3.96 -14.28 -2.85
C GLU E 48 -5.15 -14.58 -1.95
N LYS E 49 -5.57 -13.61 -1.13
CA LYS E 49 -6.71 -13.84 -0.25
C LYS E 49 -8.00 -14.00 -1.05
N LEU E 50 -8.27 -13.08 -1.97
CA LEU E 50 -9.43 -13.23 -2.85
C LEU E 50 -9.30 -14.48 -3.71
N LEU E 51 -8.09 -14.86 -4.09
CA LEU E 51 -7.90 -16.07 -4.88
C LEU E 51 -8.31 -17.31 -4.10
N LYS E 52 -7.85 -17.43 -2.86
CA LYS E 52 -8.22 -18.59 -2.06
C LYS E 52 -9.67 -18.53 -1.60
N GLU E 53 -10.27 -17.34 -1.54
CA GLU E 53 -11.71 -17.26 -1.33
C GLU E 53 -12.47 -17.79 -2.54
N ALA E 54 -12.03 -17.41 -3.75
CA ALA E 54 -12.63 -17.93 -4.96
C ALA E 54 -12.46 -19.43 -5.05
N GLU E 55 -11.33 -19.96 -4.57
CA GLU E 55 -11.13 -21.41 -4.56
C GLU E 55 -11.93 -22.10 -3.46
N LYS E 56 -12.16 -21.43 -2.34
CA LYS E 56 -13.06 -21.98 -1.33
C LYS E 56 -14.49 -22.07 -1.87
N VAL E 57 -14.89 -21.12 -2.70
CA VAL E 57 -16.16 -21.25 -3.40
C VAL E 57 -16.07 -22.31 -4.50
N TYR E 58 -14.89 -22.45 -5.12
CA TYR E 58 -14.62 -23.53 -6.07
C TYR E 58 -14.77 -24.89 -5.43
N LYS E 59 -14.67 -24.97 -4.11
CA LYS E 59 -14.85 -26.25 -3.42
C LYS E 59 -16.26 -26.80 -3.65
N GLU E 60 -17.28 -25.96 -3.49
CA GLU E 60 -18.66 -26.42 -3.51
C GLU E 60 -19.38 -26.16 -4.83
N VAL E 61 -18.66 -25.70 -5.86
CA VAL E 61 -19.32 -25.44 -7.15
C VAL E 61 -19.53 -26.74 -7.91
N LYS E 62 -18.79 -27.80 -7.56
CA LYS E 62 -18.90 -29.10 -8.23
C LYS E 62 -20.25 -29.75 -7.97
N GLU E 63 -20.33 -31.06 -8.21
CA GLU E 63 -21.57 -31.81 -8.10
C GLU E 63 -21.98 -32.09 -6.66
N ALA E 64 -21.51 -31.29 -5.70
CA ALA E 64 -21.92 -31.49 -4.31
C ALA E 64 -23.39 -31.11 -4.12
N LYS E 65 -23.78 -29.93 -4.59
CA LYS E 65 -25.17 -29.50 -4.51
C LYS E 65 -25.99 -30.14 -5.62
N ASP F 1 -28.94 -15.15 11.23
CA ASP F 1 -28.62 -13.89 10.55
C ASP F 1 -27.52 -13.13 11.30
N LEU F 2 -27.57 -13.20 12.63
CA LEU F 2 -26.55 -12.57 13.45
C LEU F 2 -25.16 -13.06 13.07
N GLU F 3 -25.04 -14.36 12.77
CA GLU F 3 -23.72 -14.96 12.58
C GLU F 3 -23.04 -14.43 11.32
N ASP F 4 -23.81 -14.19 10.25
CA ASP F 4 -23.23 -13.61 9.05
C ASP F 4 -22.63 -12.24 9.35
N LEU F 5 -23.41 -11.37 9.98
CA LEU F 5 -22.93 -10.07 10.43
C LEU F 5 -21.64 -10.21 11.22
N LEU F 6 -21.67 -11.01 12.29
CA LEU F 6 -20.53 -11.15 13.17
C LEU F 6 -19.30 -11.64 12.42
N GLU F 7 -19.50 -12.57 11.47
CA GLU F 7 -18.40 -13.00 10.62
C GLU F 7 -17.84 -11.84 9.80
N LYS F 8 -18.71 -10.94 9.34
CA LYS F 8 -18.23 -9.79 8.57
C LYS F 8 -17.39 -8.86 9.45
N ILE F 9 -17.88 -8.50 10.64
CA ILE F 9 -17.03 -7.70 11.52
C ILE F 9 -15.72 -8.41 11.81
N LYS F 10 -15.78 -9.74 12.04
CA LYS F 10 -14.58 -10.48 12.39
C LYS F 10 -13.53 -10.40 11.27
N ASP F 11 -13.96 -10.65 10.03
CA ASP F 11 -13.05 -10.50 8.90
C ASP F 11 -12.47 -9.11 8.84
N ILE F 12 -13.32 -8.09 9.01
CA ILE F 12 -12.84 -6.71 9.01
C ILE F 12 -11.71 -6.54 10.01
N VAL F 13 -11.94 -6.94 11.26
CA VAL F 13 -10.93 -6.73 12.31
C VAL F 13 -9.67 -7.52 11.98
N LEU F 14 -9.82 -8.71 11.38
CA LEU F 14 -8.67 -9.46 10.87
C LEU F 14 -7.80 -8.57 9.99
N LYS F 15 -8.42 -7.88 9.03
CA LYS F 15 -7.65 -6.99 8.16
C LYS F 15 -7.09 -5.79 8.93
N VAL F 16 -7.89 -5.20 9.81
CA VAL F 16 -7.43 -4.06 10.61
C VAL F 16 -6.12 -4.40 11.31
N MET F 17 -6.03 -5.59 11.87
CA MET F 17 -4.81 -5.95 12.57
C MET F 17 -3.77 -6.55 11.64
N ASP F 18 -4.13 -6.92 10.42
CA ASP F 18 -3.14 -7.10 9.37
C ASP F 18 -2.37 -5.81 9.11
N ILE F 19 -3.06 -4.66 9.20
CA ILE F 19 -2.49 -3.39 8.75
C ILE F 19 -2.42 -2.35 9.86
N GLY F 20 -3.42 -2.29 10.75
CA GLY F 20 -3.52 -1.17 11.66
C GLY F 20 -2.48 -1.18 12.76
N ASP F 21 -2.49 -0.11 13.55
CA ASP F 21 -1.56 0.08 14.66
C ASP F 21 -2.28 -0.14 15.99
N ASP F 22 -1.55 0.07 17.09
CA ASP F 22 -2.03 -0.36 18.40
C ASP F 22 -3.35 0.30 18.77
N GLU F 23 -3.50 1.59 18.50
CA GLU F 23 -4.75 2.27 18.85
C GLU F 23 -5.92 1.75 18.01
N THR F 24 -5.71 1.63 16.70
CA THR F 24 -6.73 1.01 15.85
C THR F 24 -7.02 -0.41 16.28
N ILE F 25 -5.98 -1.14 16.71
CA ILE F 25 -6.16 -2.51 17.17
C ILE F 25 -7.09 -2.54 18.38
N LYS F 26 -6.84 -1.66 19.35
CA LYS F 26 -7.66 -1.61 20.56
C LYS F 26 -9.10 -1.23 20.23
N ARG F 27 -9.29 -0.20 19.40
CA ARG F 27 -10.64 0.22 19.07
C ARG F 27 -11.40 -0.85 18.29
N ALA F 28 -10.70 -1.54 17.38
CA ALA F 28 -11.36 -2.58 16.59
C ALA F 28 -11.70 -3.79 17.43
N GLN F 29 -10.84 -4.15 18.39
CA GLN F 29 -11.18 -5.25 19.30
C GLN F 29 -12.35 -4.88 20.20
N LYS F 30 -12.39 -3.63 20.66
CA LYS F 30 -13.56 -3.18 21.42
C LYS F 30 -14.83 -3.27 20.59
N LEU F 31 -14.75 -2.87 19.32
CA LEU F 31 -15.88 -2.98 18.42
C LEU F 31 -16.31 -4.44 18.25
N LEU F 32 -15.33 -5.35 18.13
CA LEU F 32 -15.63 -6.76 17.99
C LEU F 32 -16.35 -7.30 19.23
N ILE F 33 -15.90 -6.92 20.42
CA ILE F 33 -16.54 -7.45 21.63
C ILE F 33 -17.92 -6.83 21.81
N LYS F 34 -18.09 -5.56 21.44
CA LYS F 34 -19.43 -4.97 21.43
C LYS F 34 -20.34 -5.72 20.47
N ALA F 35 -19.82 -6.10 19.30
CA ALA F 35 -20.60 -6.87 18.34
C ALA F 35 -20.98 -8.23 18.91
N GLU F 36 -20.07 -8.86 19.66
CA GLU F 36 -20.38 -10.14 20.30
C GLU F 36 -21.49 -9.98 21.34
N LEU F 37 -21.39 -8.93 22.16
CA LEU F 37 -22.44 -8.67 23.15
C LEU F 37 -23.78 -8.46 22.46
N ALA F 38 -23.81 -7.66 21.40
CA ALA F 38 -25.07 -7.38 20.71
C ALA F 38 -25.60 -8.60 19.99
N VAL F 39 -24.71 -9.47 19.48
CA VAL F 39 -25.15 -10.68 18.80
C VAL F 39 -25.79 -11.63 19.81
N GLU F 40 -25.20 -11.76 21.00
CA GLU F 40 -25.83 -12.57 22.03
C GLU F 40 -27.15 -11.95 22.48
N ASN F 41 -27.18 -10.62 22.61
CA ASN F 41 -28.36 -9.91 23.08
C ASN F 41 -29.45 -9.78 22.03
N LYS F 42 -29.15 -10.12 20.77
CA LYS F 42 -30.11 -10.08 19.68
C LYS F 42 -30.69 -8.68 19.49
N ASP F 43 -29.81 -7.73 19.25
CA ASP F 43 -30.17 -6.35 18.91
C ASP F 43 -29.61 -6.07 17.52
N LEU F 44 -30.37 -6.44 16.49
CA LEU F 44 -29.89 -6.32 15.12
C LEU F 44 -29.41 -4.91 14.82
N LYS F 45 -30.15 -3.90 15.28
CA LYS F 45 -29.82 -2.51 14.97
C LYS F 45 -28.39 -2.17 15.36
N GLU F 46 -28.04 -2.40 16.63
CA GLU F 46 -26.69 -2.15 17.08
C GLU F 46 -25.68 -2.98 16.30
N VAL F 47 -26.06 -4.19 15.89
CA VAL F 47 -25.12 -5.06 15.18
C VAL F 47 -24.76 -4.46 13.82
N GLU F 48 -25.77 -4.09 13.03
CA GLU F 48 -25.48 -3.49 11.73
C GLU F 48 -24.81 -2.14 11.88
N LYS F 49 -25.15 -1.38 12.93
CA LYS F 49 -24.48 -0.11 13.16
C LYS F 49 -23.00 -0.33 13.43
N LEU F 50 -22.66 -1.31 14.27
CA LEU F 50 -21.26 -1.59 14.56
C LEU F 50 -20.53 -2.14 13.35
N LEU F 51 -21.22 -2.92 12.50
CA LEU F 51 -20.64 -3.30 11.21
C LEU F 51 -20.30 -2.07 10.37
N LYS F 52 -21.22 -1.10 10.33
CA LYS F 52 -20.95 0.14 9.59
C LYS F 52 -19.74 0.86 10.15
N GLU F 53 -19.65 0.96 11.48
CA GLU F 53 -18.48 1.59 12.08
C GLU F 53 -17.20 0.80 11.81
N ALA F 54 -17.31 -0.52 11.69
CA ALA F 54 -16.14 -1.34 11.38
C ALA F 54 -15.64 -1.05 9.97
N GLU F 55 -16.56 -1.01 8.99
CA GLU F 55 -16.17 -0.58 7.65
C GLU F 55 -15.58 0.82 7.68
N LYS F 56 -16.15 1.70 8.52
CA LYS F 56 -15.67 3.07 8.61
C LYS F 56 -14.23 3.11 9.11
N VAL F 57 -13.91 2.35 10.15
CA VAL F 57 -12.56 2.41 10.70
C VAL F 57 -11.56 1.70 9.78
N TYR F 58 -12.01 0.66 9.06
CA TYR F 58 -11.14 0.05 8.06
C TYR F 58 -10.78 1.04 6.97
N LYS F 59 -11.78 1.79 6.47
CA LYS F 59 -11.50 2.81 5.47
C LYS F 59 -10.68 3.95 6.04
N GLU F 60 -10.85 4.25 7.33
CA GLU F 60 -9.98 5.23 7.98
C GLU F 60 -8.54 4.76 7.98
N VAL F 61 -8.31 3.48 8.27
CA VAL F 61 -6.95 2.96 8.29
C VAL F 61 -6.35 3.01 6.89
N LYS F 62 -7.09 2.55 5.89
CA LYS F 62 -6.53 2.45 4.55
C LYS F 62 -6.63 3.76 3.76
N GLU F 63 -7.17 4.83 4.33
CA GLU F 63 -7.29 6.09 3.63
C GLU F 63 -6.93 7.29 4.49
N ALA F 64 -7.41 7.31 5.73
CA ALA F 64 -7.20 8.47 6.61
C ALA F 64 -6.35 8.12 7.83
N ILE G 2 20.71 6.24 7.81
CA ILE G 2 21.06 4.97 7.20
C ILE G 2 21.44 5.17 5.73
N LYS G 3 20.71 6.06 5.05
CA LYS G 3 20.98 6.31 3.65
C LYS G 3 22.40 6.87 3.44
N GLU G 4 22.80 7.82 4.29
CA GLU G 4 24.13 8.40 4.15
C GLU G 4 25.22 7.42 4.57
N THR G 5 24.94 6.63 5.62
CA THR G 5 25.88 5.60 6.02
C THR G 5 26.12 4.60 4.90
N LEU G 6 25.08 4.30 4.12
CA LEU G 6 25.23 3.42 2.97
C LEU G 6 26.25 3.97 1.97
N GLN G 7 26.21 5.28 1.72
CA GLN G 7 27.16 5.90 0.80
C GLN G 7 28.58 5.80 1.36
N LYS G 8 28.74 6.07 2.65
CA LYS G 8 30.06 5.94 3.27
C LYS G 8 30.57 4.51 3.14
N ILE G 9 29.69 3.52 3.34
CA ILE G 9 30.07 2.12 3.19
C ILE G 9 30.50 1.83 1.76
N LYS G 10 29.75 2.35 0.78
CA LYS G 10 30.09 2.14 -0.62
C LYS G 10 31.47 2.69 -0.94
N GLU G 11 31.81 3.84 -0.34
CA GLU G 11 33.13 4.41 -0.57
C GLU G 11 34.23 3.54 0.05
N VAL G 12 34.00 3.03 1.26
CA VAL G 12 34.98 2.13 1.86
C VAL G 12 35.16 0.88 0.99
N VAL G 13 34.05 0.35 0.47
CA VAL G 13 34.11 -0.83 -0.39
C VAL G 13 34.92 -0.53 -1.66
N LEU G 14 34.72 0.66 -2.23
CA LEU G 14 35.50 1.05 -3.42
C LEU G 14 36.98 1.15 -3.11
N GLU G 15 37.34 1.78 -1.99
CA GLU G 15 38.74 1.83 -1.60
C GLU G 15 39.33 0.44 -1.49
N ILE G 16 38.52 -0.51 -1.00
CA ILE G 16 38.99 -1.87 -0.78
C ILE G 16 39.22 -2.58 -2.12
N MET G 17 38.25 -2.49 -3.04
CA MET G 17 38.45 -2.99 -4.41
C MET G 17 39.61 -2.29 -5.10
N ASP G 18 39.98 -1.09 -4.66
CA ASP G 18 41.18 -0.44 -5.18
C ASP G 18 42.46 -0.99 -4.56
N LYS G 19 42.40 -1.50 -3.32
CA LYS G 19 43.63 -1.95 -2.65
C LYS G 19 43.62 -3.42 -2.25
N GLY G 20 42.50 -3.95 -1.77
CA GLY G 20 42.47 -5.29 -1.22
C GLY G 20 42.58 -6.37 -2.29
N ASP G 21 42.32 -7.60 -1.87
CA ASP G 21 42.32 -8.77 -2.74
C ASP G 21 40.94 -9.42 -2.74
N ASP G 22 40.81 -10.47 -3.56
CA ASP G 22 39.50 -11.03 -3.90
C ASP G 22 38.69 -11.42 -2.67
N GLU G 23 39.34 -12.05 -1.68
CA GLU G 23 38.63 -12.42 -0.46
C GLU G 23 38.07 -11.19 0.24
N GLN G 24 38.89 -10.17 0.42
CA GLN G 24 38.43 -8.93 1.03
C GLN G 24 37.40 -8.23 0.16
N ILE G 25 37.53 -8.35 -1.18
CA ILE G 25 36.56 -7.73 -2.08
C ILE G 25 35.17 -8.33 -1.84
N LYS G 26 35.08 -9.65 -1.92
CA LYS G 26 33.79 -10.30 -1.73
C LYS G 26 33.28 -10.13 -0.32
N LEU G 27 34.18 -10.03 0.68
CA LEU G 27 33.72 -9.78 2.03
C LEU G 27 33.07 -8.40 2.13
N ALA G 28 33.74 -7.37 1.59
CA ALA G 28 33.22 -6.02 1.63
C ALA G 28 31.87 -5.93 0.90
N GLN G 29 31.74 -6.64 -0.21
CA GLN G 29 30.47 -6.59 -0.94
C GLN G 29 29.36 -7.33 -0.20
N SER G 30 29.69 -8.43 0.48
CA SER G 30 28.71 -9.11 1.31
C SER G 30 28.23 -8.21 2.43
N LEU G 31 29.17 -7.54 3.11
CA LEU G 31 28.82 -6.53 4.10
C LEU G 31 27.90 -5.46 3.52
N LEU G 32 28.26 -4.91 2.36
CA LEU G 32 27.47 -3.84 1.76
C LEU G 32 26.07 -4.30 1.42
N ILE G 33 25.92 -5.55 0.96
CA ILE G 33 24.60 -6.03 0.59
C ILE G 33 23.75 -6.28 1.83
N VAL G 34 24.38 -6.79 2.90
CA VAL G 34 23.65 -6.93 4.16
C VAL G 34 23.22 -5.57 4.68
N ALA G 35 24.05 -4.55 4.46
CA ALA G 35 23.67 -3.18 4.85
C ALA G 35 22.52 -2.68 3.98
N GLU G 36 22.50 -3.04 2.70
CA GLU G 36 21.36 -2.72 1.85
C GLU G 36 20.10 -3.37 2.39
N ILE G 37 20.20 -4.62 2.83
CA ILE G 37 19.06 -5.31 3.44
C ILE G 37 18.59 -4.54 4.67
N ALA G 38 19.54 -4.14 5.52
CA ALA G 38 19.19 -3.44 6.76
C ALA G 38 18.51 -2.10 6.47
N VAL G 39 19.00 -1.37 5.46
CA VAL G 39 18.37 -0.11 5.09
C VAL G 39 16.98 -0.36 4.52
N ALA G 40 16.82 -1.46 3.78
CA ALA G 40 15.51 -1.81 3.24
C ALA G 40 14.51 -2.14 4.34
N VAL G 41 14.97 -2.57 5.52
CA VAL G 41 14.09 -2.84 6.65
C VAL G 41 14.12 -1.73 7.69
N GLY G 42 14.93 -0.70 7.49
CA GLY G 42 14.97 0.41 8.42
C GLY G 42 15.69 0.13 9.72
N ASP G 43 16.85 -0.53 9.66
CA ASP G 43 17.66 -0.84 10.83
C ASP G 43 18.90 0.04 10.80
N LYS G 44 19.14 0.79 11.87
CA LYS G 44 20.32 1.63 11.96
C LYS G 44 21.51 0.87 12.55
N GLU G 45 21.27 0.05 13.58
CA GLU G 45 22.35 -0.65 14.26
C GLU G 45 23.14 -1.54 13.29
N THR G 46 22.44 -2.24 12.40
CA THR G 46 23.12 -3.13 11.46
C THR G 46 24.01 -2.35 10.50
N VAL G 47 23.52 -1.21 10.02
CA VAL G 47 24.31 -0.41 9.09
C VAL G 47 25.52 0.20 9.80
N GLU G 48 25.35 0.62 11.05
CA GLU G 48 26.49 1.12 11.82
C GLU G 48 27.53 0.03 12.02
N LYS G 49 27.08 -1.18 12.38
CA LYS G 49 28.01 -2.29 12.56
C LYS G 49 28.72 -2.63 11.25
N MET G 50 28.01 -2.54 10.13
CA MET G 50 28.63 -2.86 8.84
C MET G 50 29.65 -1.80 8.44
N TYR G 51 29.38 -0.53 8.72
CA TYR G 51 30.41 0.50 8.55
C TYR G 51 31.62 0.19 9.42
N LYS G 52 31.38 -0.17 10.68
CA LYS G 52 32.49 -0.50 11.57
C LYS G 52 33.34 -1.62 11.00
N GLU G 53 32.69 -2.68 10.50
CA GLU G 53 33.43 -3.82 9.96
C GLU G 53 34.18 -3.44 8.69
N ALA G 54 33.54 -2.68 7.79
CA ALA G 54 34.20 -2.31 6.54
C ALA G 54 35.41 -1.42 6.81
N LYS G 55 35.28 -0.46 7.73
CA LYS G 55 36.43 0.37 8.08
C LYS G 55 37.51 -0.44 8.79
N TYR G 56 37.11 -1.42 9.62
CA TYR G 56 38.08 -2.28 10.27
C TYR G 56 38.90 -3.05 9.24
N ILE G 57 38.24 -3.56 8.21
CA ILE G 57 38.97 -4.36 7.22
C ILE G 57 39.77 -3.45 6.29
N LEU G 58 39.32 -2.21 6.06
CA LEU G 58 40.14 -1.25 5.31
C LEU G 58 41.40 -0.86 6.09
N ASP G 59 41.28 -0.67 7.40
CA ASP G 59 42.46 -0.28 8.20
C ASP G 59 43.52 -1.36 8.17
N ASN G 60 43.17 -2.56 8.60
CA ASN G 60 44.09 -3.70 8.59
C ASN G 60 44.05 -4.43 7.24
N ILE G 61 44.26 -3.67 6.16
CA ILE G 61 44.19 -4.24 4.82
C ILE G 61 45.34 -5.20 4.55
N ASN G 62 46.45 -5.07 5.28
CA ASN G 62 47.61 -5.95 5.10
C ASN G 62 47.84 -6.86 6.29
N SER G 63 47.05 -6.73 7.36
CA SER G 63 47.22 -7.55 8.55
C SER G 63 46.13 -8.58 8.74
N ILE G 64 44.96 -8.39 8.14
CA ILE G 64 43.81 -9.24 8.39
C ILE G 64 44.06 -10.61 7.76
N THR G 65 43.43 -11.64 8.33
CA THR G 65 43.69 -13.02 7.97
C THR G 65 42.42 -13.70 7.48
N ASP G 66 42.59 -14.72 6.64
CA ASP G 66 41.46 -15.35 5.96
C ASP G 66 40.41 -15.88 6.94
N GLU G 67 40.86 -16.34 8.11
CA GLU G 67 39.95 -16.88 9.11
C GLU G 67 38.91 -15.84 9.52
N GLU G 68 39.35 -14.61 9.74
CA GLU G 68 38.42 -13.55 10.10
C GLU G 68 37.49 -13.23 8.93
N ILE G 69 38.03 -13.23 7.70
CA ILE G 69 37.18 -13.09 6.52
C ILE G 69 36.02 -14.08 6.58
N LYS G 70 36.32 -15.34 6.90
CA LYS G 70 35.28 -16.38 6.94
C LYS G 70 34.33 -16.16 8.10
N LYS G 71 34.85 -15.78 9.26
CA LYS G 71 33.99 -15.56 10.42
C LYS G 71 32.98 -14.48 10.13
N MET G 72 33.44 -13.35 9.62
CA MET G 72 32.56 -12.24 9.28
C MET G 72 31.62 -12.59 8.12
N LEU G 73 32.08 -13.42 7.18
CA LEU G 73 31.22 -13.85 6.07
C LEU G 73 30.04 -14.66 6.57
N GLU G 74 30.33 -15.77 7.27
CA GLU G 74 29.27 -16.59 7.85
C GLU G 74 28.40 -15.79 8.80
N GLU G 75 29.02 -14.92 9.60
CA GLU G 75 28.27 -14.09 10.54
C GLU G 75 27.28 -13.19 9.80
N ALA G 76 27.76 -12.45 8.80
CA ALA G 76 26.88 -11.57 8.02
C ALA G 76 25.79 -12.35 7.31
N ALA G 77 26.08 -13.58 6.87
CA ALA G 77 25.02 -14.44 6.35
C ALA G 77 23.95 -14.68 7.41
N LYS G 78 24.38 -14.93 8.65
CA LYS G 78 23.42 -15.11 9.74
C LYS G 78 22.64 -13.82 10.02
N ILE G 79 23.28 -12.69 9.82
CA ILE G 79 22.63 -11.42 10.06
C ILE G 79 21.57 -11.20 9.02
N ALA G 80 21.87 -11.53 7.79
CA ALA G 80 20.87 -11.42 6.73
C ALA G 80 19.71 -12.38 6.98
N LYS G 81 20.02 -13.59 7.44
CA LYS G 81 18.97 -14.56 7.79
C LYS G 81 18.02 -13.97 8.84
N LYS G 82 18.57 -13.41 9.91
CA LYS G 82 17.73 -12.83 10.96
C LYS G 82 17.12 -11.51 10.55
N LEU G 83 17.66 -10.85 9.53
CA LEU G 83 17.14 -9.58 9.05
C LEU G 83 15.94 -9.79 8.14
N LEU G 84 15.85 -10.95 7.51
CA LEU G 84 14.63 -11.31 6.77
C LEU G 84 13.39 -11.28 7.66
N GLU G 85 13.56 -11.29 8.98
CA GLU G 85 12.42 -11.36 9.89
C GLU G 85 11.67 -10.03 9.97
N LYS G 86 12.35 -8.91 9.76
CA LYS G 86 11.75 -7.59 9.91
C LYS G 86 11.20 -7.02 8.61
N ALA G 87 10.90 -7.87 7.63
CA ALA G 87 10.45 -7.41 6.33
C ALA G 87 8.96 -7.63 6.09
N LYS G 88 8.24 -8.25 7.04
CA LYS G 88 6.86 -8.63 6.82
C LYS G 88 5.95 -7.45 6.50
N ASP G 89 6.36 -6.23 6.84
CA ASP G 89 5.57 -5.03 6.59
C ASP G 89 6.01 -4.27 5.35
N LEU G 90 6.54 -4.97 4.36
CA LEU G 90 7.08 -4.36 3.15
C LEU G 90 6.35 -4.89 1.92
N PRO G 91 6.41 -4.16 0.80
CA PRO G 91 5.81 -4.66 -0.44
C PRO G 91 6.42 -5.99 -0.88
N GLU G 92 5.75 -6.64 -1.83
CA GLU G 92 6.15 -7.98 -2.26
C GLU G 92 7.50 -7.95 -2.97
N GLU G 93 7.64 -7.07 -3.96
CA GLU G 93 8.90 -6.96 -4.69
C GLU G 93 10.06 -6.73 -3.74
N GLU G 94 9.84 -5.90 -2.71
CA GLU G 94 10.87 -5.63 -1.72
C GLU G 94 11.26 -6.91 -0.97
N ARG G 95 10.29 -7.54 -0.30
CA ARG G 95 10.54 -8.78 0.44
C ARG G 95 11.28 -9.80 -0.42
N ILE G 96 10.81 -9.97 -1.66
CA ILE G 96 11.42 -10.93 -2.58
C ILE G 96 12.88 -10.58 -2.81
N LEU G 97 13.15 -9.40 -3.39
CA LEU G 97 14.53 -9.03 -3.71
C LEU G 97 15.43 -9.09 -2.47
N LEU G 98 14.88 -8.80 -1.29
CA LEU G 98 15.67 -8.96 -0.05
C LEU G 98 16.02 -10.41 0.20
N ARG G 99 15.08 -11.33 -0.05
CA ARG G 99 15.41 -12.75 0.06
C ARG G 99 16.49 -13.15 -0.95
N ILE G 100 16.35 -12.70 -2.20
CA ILE G 100 17.42 -12.93 -3.19
C ILE G 100 18.76 -12.48 -2.65
N LYS G 101 18.83 -11.26 -2.13
CA LYS G 101 20.11 -10.73 -1.65
C LYS G 101 20.65 -11.55 -0.48
N ALA G 102 19.77 -12.00 0.41
CA ALA G 102 20.22 -12.81 1.54
C ALA G 102 20.82 -14.12 1.08
N LEU G 103 20.19 -14.78 0.11
CA LEU G 103 20.79 -16.01 -0.42
C LEU G 103 22.06 -15.72 -1.21
N VAL G 104 22.16 -14.52 -1.81
CA VAL G 104 23.42 -14.13 -2.45
C VAL G 104 24.53 -14.03 -1.41
N ILE G 105 24.21 -13.52 -0.22
CA ILE G 105 25.20 -13.51 0.86
C ILE G 105 25.53 -14.93 1.30
N GLU G 106 24.52 -15.81 1.34
CA GLU G 106 24.78 -17.21 1.66
C GLU G 106 25.80 -17.82 0.69
N VAL G 107 25.64 -17.53 -0.60
CA VAL G 107 26.57 -18.06 -1.60
C VAL G 107 27.93 -17.38 -1.47
N MET G 108 27.95 -16.08 -1.19
CA MET G 108 29.20 -15.38 -0.93
C MET G 108 29.97 -16.06 0.20
N ALA G 109 29.26 -16.51 1.22
CA ALA G 109 29.91 -17.17 2.36
C ALA G 109 30.37 -18.57 1.99
N TYR G 110 29.43 -19.46 1.65
CA TYR G 110 29.74 -20.87 1.47
C TYR G 110 29.84 -21.30 0.01
N GLY G 111 30.12 -20.37 -0.90
CA GLY G 111 30.16 -20.66 -2.32
C GLY G 111 31.56 -20.57 -2.88
N ASP G 112 31.84 -21.41 -3.88
CA ASP G 112 33.12 -21.36 -4.55
C ASP G 112 33.18 -20.15 -5.49
N ASP G 113 34.38 -19.87 -5.99
CA ASP G 113 34.67 -18.57 -6.59
C ASP G 113 33.80 -18.28 -7.82
N GLU G 114 33.31 -19.32 -8.49
CA GLU G 114 32.51 -19.16 -9.70
C GLU G 114 31.02 -18.97 -9.38
N THR G 115 30.54 -19.70 -8.38
CA THR G 115 29.16 -19.57 -7.96
C THR G 115 28.84 -18.15 -7.51
N ILE G 116 29.82 -17.46 -6.93
CA ILE G 116 29.62 -16.07 -6.52
C ILE G 116 29.39 -15.17 -7.73
N LYS G 117 30.19 -15.36 -8.78
CA LYS G 117 29.99 -14.60 -10.01
C LYS G 117 28.59 -14.82 -10.55
N GLU G 118 28.18 -16.10 -10.65
CA GLU G 118 26.81 -16.40 -11.10
C GLU G 118 25.77 -15.71 -10.23
N ALA G 119 25.96 -15.78 -8.90
CA ALA G 119 25.01 -15.20 -7.96
C ALA G 119 24.89 -13.69 -8.18
N GLN G 120 26.01 -13.04 -8.50
CA GLN G 120 25.95 -11.60 -8.78
C GLN G 120 25.18 -11.33 -10.06
N LYS G 121 25.32 -12.20 -11.06
CA LYS G 121 24.46 -12.06 -12.25
C LYS G 121 22.99 -12.09 -11.86
N LEU G 122 22.57 -13.13 -11.12
CA LEU G 122 21.15 -13.19 -10.79
C LEU G 122 20.72 -12.05 -9.87
N LEU G 123 21.63 -11.52 -9.05
CA LEU G 123 21.30 -10.37 -8.22
C LEU G 123 21.01 -9.15 -9.07
N ILE G 124 21.87 -8.88 -10.05
CA ILE G 124 21.63 -7.73 -10.93
C ILE G 124 20.37 -7.95 -11.75
N LYS G 125 20.09 -9.20 -12.13
CA LYS G 125 18.83 -9.49 -12.82
C LYS G 125 17.63 -9.15 -11.96
N ALA G 126 17.68 -9.51 -10.67
CA ALA G 126 16.58 -9.17 -9.76
C ALA G 126 16.47 -7.67 -9.55
N GLU G 127 17.61 -6.99 -9.46
CA GLU G 127 17.61 -5.54 -9.27
C GLU G 127 17.05 -4.82 -10.49
N LEU G 128 17.20 -5.41 -11.68
CA LEU G 128 16.59 -4.84 -12.87
C LEU G 128 15.11 -5.18 -12.96
N ALA G 129 14.73 -6.39 -12.54
CA ALA G 129 13.34 -6.82 -12.63
C ALA G 129 12.45 -6.10 -11.61
N VAL G 130 13.01 -5.72 -10.46
CA VAL G 130 12.20 -5.02 -9.47
C VAL G 130 11.89 -3.60 -9.94
N LYS G 131 12.82 -2.96 -10.65
CA LYS G 131 12.59 -1.61 -11.13
C LYS G 131 11.72 -1.59 -12.38
N GLU G 132 11.75 -2.65 -13.17
CA GLU G 132 10.86 -2.80 -14.32
C GLU G 132 9.53 -3.44 -13.95
N GLY G 133 9.35 -3.84 -12.69
CA GLY G 133 8.14 -4.52 -12.29
C GLY G 133 7.95 -5.88 -12.90
N ASP G 134 9.01 -6.46 -13.46
CA ASP G 134 8.93 -7.77 -14.09
C ASP G 134 8.73 -8.86 -13.04
N LEU G 135 7.48 -9.15 -12.71
CA LEU G 135 7.19 -10.27 -11.81
C LEU G 135 7.28 -11.63 -12.52
N GLU G 136 7.44 -11.63 -13.83
CA GLU G 136 7.66 -12.87 -14.57
C GLU G 136 9.05 -13.46 -14.31
N THR G 137 10.00 -12.64 -13.87
CA THR G 137 11.39 -13.04 -13.71
C THR G 137 11.81 -13.21 -12.26
N LEU G 138 11.21 -12.46 -11.34
CA LEU G 138 11.62 -12.41 -9.94
C LEU G 138 11.61 -13.77 -9.26
N LYS G 139 10.41 -14.34 -9.08
CA LYS G 139 10.30 -15.64 -8.40
C LYS G 139 11.06 -16.72 -9.15
N LYS G 140 11.23 -16.56 -10.46
CA LYS G 140 11.96 -17.54 -11.25
C LYS G 140 13.44 -17.56 -10.85
N ILE G 141 14.09 -16.40 -10.86
CA ILE G 141 15.49 -16.36 -10.43
C ILE G 141 15.59 -16.60 -8.94
N LEU G 142 14.53 -16.34 -8.18
CA LEU G 142 14.51 -16.69 -6.76
C LEU G 142 14.60 -18.18 -6.56
N LYS G 143 13.82 -18.94 -7.34
CA LYS G 143 13.93 -20.40 -7.31
C LYS G 143 15.30 -20.85 -7.81
N GLU G 144 15.82 -20.17 -8.83
CA GLU G 144 17.15 -20.51 -9.33
C GLU G 144 18.22 -20.32 -8.27
N MET G 145 18.03 -19.35 -7.37
CA MET G 145 19.05 -19.03 -6.36
C MET G 145 18.85 -19.74 -5.03
N GLU G 146 17.62 -20.06 -4.64
CA GLU G 146 17.38 -20.72 -3.37
C GLU G 146 17.86 -22.17 -3.40
N LYS G 147 17.73 -22.84 -4.55
CA LYS G 147 18.37 -24.13 -4.75
C LYS G 147 19.85 -23.99 -5.04
N MET G 148 20.28 -22.79 -5.44
CA MET G 148 21.69 -22.56 -5.76
C MET G 148 22.55 -22.55 -4.51
N VAL G 149 21.98 -22.18 -3.36
CA VAL G 149 22.72 -22.24 -2.11
C VAL G 149 22.87 -23.67 -1.61
N LYS G 150 22.09 -24.61 -2.15
CA LYS G 150 22.21 -26.00 -1.74
C LYS G 150 23.31 -26.73 -2.49
N GLU G 151 23.66 -26.27 -3.69
CA GLU G 151 24.73 -26.91 -4.45
C GLU G 151 26.10 -26.61 -3.84
N VAL G 152 26.26 -25.43 -3.23
CA VAL G 152 27.55 -25.07 -2.65
C VAL G 152 27.75 -25.58 -1.24
N LYS G 153 26.70 -26.12 -0.61
CA LYS G 153 26.83 -26.68 0.73
C LYS G 153 26.86 -28.20 0.68
N ASP H 1 15.51 9.99 -15.47
CA ASP H 1 16.34 9.30 -16.46
C ASP H 1 17.62 8.78 -15.84
N LEU H 2 18.03 9.39 -14.73
CA LEU H 2 19.23 8.93 -14.03
C LEU H 2 19.15 7.46 -13.70
N GLU H 3 17.98 7.00 -13.23
CA GLU H 3 17.80 5.58 -12.95
C GLU H 3 17.87 4.75 -14.21
N ASP H 4 17.33 5.25 -15.33
CA ASP H 4 17.40 4.49 -16.57
C ASP H 4 18.81 4.49 -17.15
N LEU H 5 19.54 5.59 -16.97
CA LEU H 5 20.95 5.59 -17.33
C LEU H 5 21.70 4.53 -16.52
N LEU H 6 21.42 4.46 -15.21
CA LEU H 6 21.97 3.37 -14.40
C LEU H 6 21.46 2.01 -14.86
N GLU H 7 20.25 1.94 -15.41
CA GLU H 7 19.74 0.70 -15.97
C GLU H 7 20.63 0.21 -17.11
N LYS H 8 21.05 1.14 -17.97
CA LYS H 8 21.97 0.76 -19.04
C LYS H 8 23.32 0.36 -18.46
N ILE H 9 23.80 1.09 -17.43
CA ILE H 9 25.06 0.67 -16.80
C ILE H 9 24.94 -0.74 -16.23
N LYS H 10 23.76 -1.09 -15.71
CA LYS H 10 23.58 -2.42 -15.13
C LYS H 10 23.51 -3.49 -16.19
N ASP H 11 22.78 -3.22 -17.29
CA ASP H 11 22.80 -4.15 -18.41
C ASP H 11 24.22 -4.33 -18.94
N ILE H 12 25.01 -3.26 -18.92
CA ILE H 12 26.39 -3.34 -19.37
C ILE H 12 27.21 -4.25 -18.46
N VAL H 13 27.15 -4.02 -17.15
CA VAL H 13 27.95 -4.83 -16.23
C VAL H 13 27.47 -6.27 -16.27
N LEU H 14 26.17 -6.49 -16.49
CA LEU H 14 25.67 -7.83 -16.73
C LEU H 14 26.39 -8.44 -17.92
N LYS H 15 26.23 -7.85 -19.11
CA LYS H 15 26.75 -8.44 -20.34
C LYS H 15 28.26 -8.58 -20.34
N VAL H 16 29.00 -7.75 -19.59
CA VAL H 16 30.45 -7.94 -19.52
C VAL H 16 30.81 -8.96 -18.44
N MET H 17 29.95 -9.14 -17.43
CA MET H 17 30.27 -10.08 -16.36
C MET H 17 30.35 -11.52 -16.89
N ASP H 18 29.63 -11.83 -17.97
CA ASP H 18 29.69 -13.20 -18.50
C ASP H 18 31.00 -13.48 -19.21
N ILE H 19 31.59 -12.48 -19.87
CA ILE H 19 32.82 -12.66 -20.63
C ILE H 19 33.78 -11.54 -20.24
N GLY H 20 34.89 -11.89 -19.62
CA GLY H 20 35.88 -10.92 -19.19
C GLY H 20 36.59 -11.38 -17.94
N ASP H 21 37.87 -11.04 -17.80
CA ASP H 21 38.64 -11.45 -16.64
C ASP H 21 38.07 -10.83 -15.38
N ASP H 22 38.40 -11.42 -14.24
CA ASP H 22 37.83 -10.94 -12.99
C ASP H 22 38.19 -9.50 -12.70
N GLU H 23 39.25 -8.98 -13.33
CA GLU H 23 39.58 -7.57 -13.17
C GLU H 23 38.60 -6.68 -13.94
N THR H 24 38.17 -7.12 -15.11
CA THR H 24 37.15 -6.38 -15.85
C THR H 24 35.82 -6.39 -15.10
N ILE H 25 35.41 -7.56 -14.61
CA ILE H 25 34.23 -7.66 -13.74
C ILE H 25 34.39 -6.73 -12.54
N LYS H 26 35.59 -6.68 -11.96
CA LYS H 26 35.83 -5.88 -10.78
C LYS H 26 35.66 -4.40 -11.06
N ARG H 27 36.30 -3.90 -12.11
CA ARG H 27 36.17 -2.48 -12.44
C ARG H 27 34.76 -2.14 -12.89
N ALA H 28 34.04 -3.09 -13.50
CA ALA H 28 32.64 -2.88 -13.80
C ALA H 28 31.83 -2.69 -12.51
N GLN H 29 32.13 -3.50 -11.48
CA GLN H 29 31.44 -3.33 -10.21
C GLN H 29 31.83 -2.03 -9.52
N LYS H 30 33.09 -1.59 -9.68
CA LYS H 30 33.48 -0.26 -9.20
C LYS H 30 32.62 0.81 -9.85
N LEU H 31 32.49 0.74 -11.18
CA LEU H 31 31.66 1.69 -11.91
C LEU H 31 30.22 1.63 -11.44
N LEU H 32 29.72 0.43 -11.13
CA LEU H 32 28.33 0.29 -10.69
C LEU H 32 28.12 0.92 -9.30
N ILE H 33 29.07 0.69 -8.39
CA ILE H 33 28.97 1.30 -7.06
C ILE H 33 28.98 2.82 -7.17
N LYS H 34 29.92 3.35 -7.96
CA LYS H 34 29.99 4.80 -8.12
C LYS H 34 28.75 5.34 -8.85
N ALA H 35 28.15 4.55 -9.74
CA ALA H 35 26.93 4.98 -10.40
C ALA H 35 25.77 5.05 -9.41
N GLU H 36 25.66 4.07 -8.52
CA GLU H 36 24.67 4.14 -7.46
C GLU H 36 24.88 5.38 -6.60
N LEU H 37 26.13 5.65 -6.23
CA LEU H 37 26.42 6.85 -5.44
C LEU H 37 25.99 8.12 -6.17
N ALA H 38 26.28 8.21 -7.47
CA ALA H 38 25.97 9.41 -8.23
C ALA H 38 24.47 9.58 -8.42
N VAL H 39 23.75 8.47 -8.61
CA VAL H 39 22.29 8.57 -8.70
C VAL H 39 21.70 9.00 -7.36
N GLU H 40 22.28 8.53 -6.25
CA GLU H 40 21.80 8.96 -4.94
C GLU H 40 22.05 10.44 -4.73
N ASN H 41 23.24 10.94 -5.12
CA ASN H 41 23.54 12.35 -4.96
C ASN H 41 22.91 13.23 -6.02
N LYS H 42 22.18 12.65 -6.97
CA LYS H 42 21.55 13.39 -8.06
C LYS H 42 22.58 14.23 -8.81
N ASP H 43 23.31 13.62 -9.73
CA ASP H 43 24.43 14.29 -10.38
C ASP H 43 24.60 13.73 -11.78
N LEU H 44 23.87 14.30 -12.75
CA LEU H 44 23.82 13.72 -14.09
C LEU H 44 25.19 13.67 -14.73
N LYS H 45 26.04 14.65 -14.44
CA LYS H 45 27.38 14.67 -15.01
C LYS H 45 28.12 13.38 -14.68
N GLU H 46 28.12 12.98 -13.41
CA GLU H 46 28.85 11.78 -13.00
C GLU H 46 28.30 10.53 -13.66
N VAL H 47 26.98 10.37 -13.65
CA VAL H 47 26.40 9.11 -14.12
C VAL H 47 26.62 8.97 -15.62
N GLU H 48 26.53 10.08 -16.36
CA GLU H 48 26.82 10.03 -17.79
C GLU H 48 28.31 9.81 -18.05
N LYS H 49 29.18 10.49 -17.29
CA LYS H 49 30.62 10.30 -17.42
C LYS H 49 31.11 8.96 -16.87
N LEU H 50 30.20 8.13 -16.35
CA LEU H 50 30.52 6.76 -15.96
C LEU H 50 29.97 5.73 -16.93
N LEU H 51 28.76 5.97 -17.44
CA LEU H 51 28.19 5.05 -18.41
C LEU H 51 29.17 4.78 -19.54
N LYS H 52 29.65 5.83 -20.20
CA LYS H 52 30.46 5.66 -21.40
C LYS H 52 31.73 4.85 -21.12
N GLU H 53 32.30 5.01 -19.93
CA GLU H 53 33.39 4.13 -19.51
C GLU H 53 32.93 2.68 -19.56
N ALA H 54 31.79 2.39 -18.92
CA ALA H 54 31.28 1.02 -18.93
C ALA H 54 30.95 0.55 -20.35
N GLU H 55 30.43 1.46 -21.17
CA GLU H 55 30.01 1.16 -22.54
C GLU H 55 31.20 0.71 -23.37
N LYS H 56 32.25 1.53 -23.41
CA LYS H 56 33.45 1.15 -24.15
C LYS H 56 34.05 -0.13 -23.59
N VAL H 57 34.18 -0.21 -22.25
CA VAL H 57 34.82 -1.37 -21.62
C VAL H 57 34.08 -2.67 -21.91
N TYR H 58 32.77 -2.60 -22.18
CA TYR H 58 32.02 -3.80 -22.56
C TYR H 58 32.74 -4.58 -23.65
N LYS H 59 33.08 -3.93 -24.75
CA LYS H 59 33.90 -4.57 -25.77
C LYS H 59 35.29 -3.93 -25.81
N GLU H 60 35.97 -3.95 -24.67
CA GLU H 60 37.31 -3.39 -24.55
C GLU H 60 37.99 -3.89 -23.29
#